data_7VEF
#
_entry.id   7VEF
#
_cell.length_a   230.580
_cell.length_b   230.580
_cell.length_c   118.441
_cell.angle_alpha   90.000
_cell.angle_beta   90.000
_cell.angle_gamma   120.000
#
_symmetry.space_group_name_H-M   'H 3 2'
#
loop_
_entity.id
_entity.type
_entity.pdbx_description
1 polymer 'Polyketide synthase'
2 non-polymer N-(2-acetamidoethyl)-2-nitro-ethanamide
3 non-polymer GLYCEROL
4 water water
#
_entity_poly.entity_id   1
_entity_poly.type   'polypeptide(L)'
_entity_poly.pdbx_seq_one_letter_code
;MNHKVHMGRSQNSEFETASDEPIAVIGLSCRLPKASGPQELWQLLDDGASAVTRVPADRETPPSTEEESADGEAAGARWG
GFLDRVDTFDAGFFGISPREAAAMDPQQRLVLELSWEALEGAGLVPATLRDTGLGVFVGAARDDYATLYRRREGRAVDHH
AMTGLHRSLIANRISYALGAHGPSMVVDTGQSSSLVAVHLACESLRRGESDIALAGGVNLNIAAESARETAAFGGLSPDG
QCFTFDARANGFVRGEGGGLVVLKTLRRALADGDLVHGVILASAVNNDGPSDTLTTPSRRAQESLLTRVYRRAGVTPTEV
GYVELHGTGTKVGDPIEAAALGAVLGTGRDTPLPVGSIKTNIGHLEGAAGIAGLIKALLQLRRRRLVPSLNFSTPNPDIP
LDALNLRVQQESAPWATPSGGGRTLVAGVSSFGMGGTNCHVVVSAAPVPEDGETTSEAGATGPDSGPALLPWVVSARSPQ
ALRDQAGRLAAWADSPAGREASPVDIGWSLATSRTHFEYRAVVSGSDRDELVASLRALASGSPVTAAGAVDGGGRLGLVF
SGQGSQRAGMGRELYVAFPVFAEAFDEVCGVLDEVMGALPPSEGWAGSLREVMFEVSSDLLDETGFTQPALFAFEVALYR
LLESWGVAGEVVAGHSVGEIAAVHVAGVLSLADACALVAARGRLMQGLPSGGAMVAVEASEEEVTALLAGREGEVGIGAV
NGPRSVVVSGGVAVVEEVAAHFAGLGRRARRLKVSHAFHSPLMDPMLEDFGRVVAGLSFAVPELTVVSGLTGAVVSADEL
CSVGYWVRHAREAVRFADAVGAMAGVGVGRFVEVGPGGVLSALVRECLAEGGAGSVVAAVRGNRAEPVALLSAVGELFAD
GYPVDWTAYFAGWPAARVELPTYAFQRSRHWLENVPELAVS
;
_entity_poly.pdbx_strand_id   A
#
# COMPACT_ATOMS: atom_id res chain seq x y z
N ALA A 18 -29.31 11.30 -16.94
CA ALA A 18 -28.93 12.42 -15.98
C ALA A 18 -28.43 13.63 -16.78
N SER A 19 -28.89 14.83 -16.42
CA SER A 19 -28.59 16.11 -17.11
C SER A 19 -27.07 16.29 -17.20
N ASP A 20 -26.43 16.59 -16.06
CA ASP A 20 -24.98 16.87 -15.97
C ASP A 20 -24.25 15.62 -15.47
N GLU A 21 -22.95 15.57 -15.70
CA GLU A 21 -22.04 14.42 -15.41
C GLU A 21 -22.23 13.96 -13.97
N PRO A 22 -22.81 12.77 -13.72
CA PRO A 22 -22.88 12.25 -12.36
C PRO A 22 -21.47 12.17 -11.76
N ILE A 23 -21.36 12.36 -10.44
CA ILE A 23 -20.07 12.42 -9.69
C ILE A 23 -20.00 11.19 -8.80
N ALA A 24 -18.82 10.56 -8.76
CA ALA A 24 -18.51 9.35 -7.97
C ALA A 24 -17.85 9.72 -6.63
N VAL A 25 -18.54 9.42 -5.52
CA VAL A 25 -17.93 9.32 -4.17
C VAL A 25 -17.02 8.08 -4.21
N ILE A 26 -15.71 8.25 -4.33
CA ILE A 26 -14.75 7.11 -4.45
C ILE A 26 -14.04 6.86 -3.10
N GLY A 27 -14.46 7.54 -2.03
CA GLY A 27 -13.84 7.46 -0.69
C GLY A 27 -14.49 8.40 0.32
N LEU A 28 -14.20 8.19 1.61
CA LEU A 28 -14.68 9.07 2.71
C LEU A 28 -13.92 8.81 4.01
N SER A 29 -13.97 9.81 4.89
CA SER A 29 -13.48 9.76 6.29
C SER A 29 -14.49 10.53 7.16
N CYS A 30 -14.50 10.27 8.47
CA CYS A 30 -15.36 11.01 9.41
C CYS A 30 -14.87 10.83 10.85
N ARG A 31 -14.79 11.93 11.60
CA ARG A 31 -14.60 11.92 13.07
C ARG A 31 -15.90 12.44 13.67
N LEU A 32 -16.68 11.57 14.28
CA LEU A 32 -18.01 11.91 14.84
C LEU A 32 -18.08 11.41 16.28
N PRO A 33 -19.09 11.84 17.06
CA PRO A 33 -19.23 11.37 18.44
C PRO A 33 -19.37 9.84 18.45
N LYS A 34 -18.47 9.16 19.16
CA LYS A 34 -18.48 7.69 19.37
C LYS A 34 -18.37 6.98 18.01
N ALA A 35 -17.70 7.61 17.05
CA ALA A 35 -17.53 7.10 15.66
C ALA A 35 -16.27 7.71 15.04
N SER A 36 -15.11 7.11 15.32
CA SER A 36 -13.76 7.60 14.94
C SER A 36 -13.46 7.31 13.48
N GLY A 37 -14.31 6.54 12.79
CA GLY A 37 -14.18 6.19 11.37
C GLY A 37 -15.50 5.67 10.80
N PRO A 38 -15.56 5.39 9.47
CA PRO A 38 -16.77 4.87 8.84
C PRO A 38 -17.31 3.58 9.49
N GLN A 39 -16.43 2.63 9.84
CA GLN A 39 -16.81 1.32 10.43
C GLN A 39 -17.60 1.57 11.73
N GLU A 40 -17.01 2.35 12.65
CA GLU A 40 -17.62 2.68 13.97
C GLU A 40 -18.96 3.39 13.77
N LEU A 41 -19.03 4.28 12.77
CA LEU A 41 -20.26 5.06 12.47
C LEU A 41 -21.37 4.08 12.08
N TRP A 42 -21.02 3.00 11.37
CA TRP A 42 -21.99 1.95 10.99
C TRP A 42 -22.47 1.22 12.25
N GLN A 43 -21.54 0.77 13.09
CA GLN A 43 -21.83 0.08 14.38
C GLN A 43 -22.82 0.93 15.17
N LEU A 44 -22.50 2.20 15.42
CA LEU A 44 -23.37 3.14 16.20
C LEU A 44 -24.76 3.19 15.56
N LEU A 45 -24.83 3.53 14.26
CA LEU A 45 -26.10 3.78 13.54
C LEU A 45 -26.97 2.51 13.57
N ASP A 46 -26.34 1.36 13.28
CA ASP A 46 -27.00 0.03 13.13
C ASP A 46 -27.46 -0.52 14.49
N ASP A 47 -26.69 -0.30 15.56
CA ASP A 47 -27.06 -0.67 16.95
C ASP A 47 -28.18 0.26 17.43
N GLY A 48 -28.54 1.26 16.64
CA GLY A 48 -29.52 2.29 17.04
C GLY A 48 -29.07 3.00 18.30
N ALA A 49 -27.79 3.38 18.37
CA ALA A 49 -27.09 3.93 19.56
C ALA A 49 -27.08 5.46 19.51
N SER A 50 -27.07 6.12 20.68
CA SER A 50 -26.95 7.60 20.84
C SER A 50 -25.58 7.94 21.44
N ALA A 51 -24.82 8.83 20.79
CA ALA A 51 -23.50 9.32 21.27
C ALA A 51 -23.67 10.66 21.96
N VAL A 52 -24.91 11.16 22.06
CA VAL A 52 -25.23 12.35 22.90
C VAL A 52 -24.89 11.98 24.35
N THR A 53 -24.19 12.88 25.05
CA THR A 53 -23.82 12.75 26.49
C THR A 53 -23.91 14.11 27.16
N ARG A 54 -23.63 14.19 28.46
CA ARG A 54 -23.38 15.50 29.13
C ARG A 54 -22.06 16.05 28.61
N VAL A 55 -21.84 17.35 28.74
CA VAL A 55 -20.55 18.00 28.36
C VAL A 55 -19.46 17.32 29.17
N PRO A 56 -18.43 16.70 28.55
CA PRO A 56 -17.28 16.16 29.29
C PRO A 56 -16.69 17.22 30.24
N ALA A 57 -16.13 16.78 31.38
CA ALA A 57 -15.57 17.66 32.44
C ALA A 57 -14.38 18.47 31.90
N ASP A 58 -13.57 17.91 30.98
CA ASP A 58 -12.36 18.59 30.42
C ASP A 58 -12.75 19.67 29.42
N ARG A 59 -14.00 19.73 28.97
CA ARG A 59 -14.55 20.87 28.19
C ARG A 59 -15.02 21.96 29.15
N GLU A 60 -15.14 23.19 28.65
CA GLU A 60 -15.69 24.33 29.43
C GLU A 60 -17.22 24.30 29.29
N THR A 61 -17.94 25.00 30.18
CA THR A 61 -19.42 25.04 30.14
C THR A 61 -19.92 26.24 30.96
N ALA A 77 -27.98 22.81 26.59
CA ALA A 77 -26.61 23.39 26.66
C ALA A 77 -25.66 22.48 27.46
N ARG A 78 -26.19 21.80 28.47
CA ARG A 78 -25.44 20.81 29.31
C ARG A 78 -25.34 19.45 28.58
N TRP A 79 -25.95 19.31 27.41
CA TRP A 79 -25.93 18.07 26.56
C TRP A 79 -25.19 18.34 25.24
N GLY A 80 -24.71 17.29 24.59
CA GLY A 80 -24.01 17.40 23.30
C GLY A 80 -23.38 16.09 22.84
N GLY A 81 -23.28 15.91 21.52
CA GLY A 81 -22.45 14.85 20.90
C GLY A 81 -21.03 15.33 20.79
N PHE A 82 -20.09 14.76 21.54
CA PHE A 82 -18.69 15.23 21.62
C PHE A 82 -17.74 14.14 21.14
N LEU A 83 -16.60 14.56 20.59
CA LEU A 83 -15.48 13.64 20.27
C LEU A 83 -14.82 13.25 21.59
N ASP A 84 -14.24 12.05 21.67
CA ASP A 84 -13.51 11.56 22.88
C ASP A 84 -12.44 12.61 23.21
N ARG A 85 -11.92 13.34 22.22
CA ARG A 85 -11.12 14.57 22.47
C ARG A 85 -10.71 15.25 21.16
N VAL A 86 -10.36 16.54 21.27
CA VAL A 86 -10.14 17.52 20.17
C VAL A 86 -8.76 18.19 20.31
N ASP A 87 -7.90 17.70 21.19
CA ASP A 87 -6.62 18.35 21.59
C ASP A 87 -5.41 17.58 21.03
N THR A 88 -5.61 16.33 20.61
CA THR A 88 -4.55 15.37 20.18
C THR A 88 -4.44 15.38 18.65
N PHE A 89 -3.21 15.35 18.14
CA PHE A 89 -2.85 15.51 16.71
C PHE A 89 -1.40 15.10 16.49
N ASP A 90 -1.13 14.35 15.40
CA ASP A 90 0.23 13.97 14.95
C ASP A 90 0.76 15.13 14.10
N ALA A 91 1.37 16.11 14.74
CA ALA A 91 1.87 17.34 14.08
C ALA A 91 3.05 16.98 13.18
N GLY A 92 3.93 16.10 13.65
CA GLY A 92 5.17 15.69 12.95
C GLY A 92 4.84 15.04 11.62
N PHE A 93 3.80 14.21 11.59
CA PHE A 93 3.34 13.51 10.37
C PHE A 93 3.11 14.50 9.23
N PHE A 94 2.56 15.68 9.56
CA PHE A 94 2.24 16.78 8.61
C PHE A 94 3.29 17.89 8.67
N GLY A 95 4.46 17.65 9.27
CA GLY A 95 5.58 18.61 9.27
C GLY A 95 5.19 19.92 9.95
N ILE A 96 4.48 19.81 11.07
CA ILE A 96 4.01 20.98 11.87
C ILE A 96 4.74 20.92 13.20
N SER A 97 5.38 22.03 13.60
CA SER A 97 6.02 22.21 14.93
C SER A 97 4.96 22.15 16.03
N PRO A 98 5.34 21.69 17.25
CA PRO A 98 4.41 21.68 18.37
C PRO A 98 3.82 23.07 18.62
N ARG A 99 4.62 24.13 18.44
CA ARG A 99 4.17 25.53 18.70
C ARG A 99 3.12 25.94 17.67
N GLU A 100 3.29 25.57 16.40
CA GLU A 100 2.28 25.85 15.36
C GLU A 100 1.01 25.04 15.63
N ALA A 101 1.16 23.78 16.07
CA ALA A 101 0.04 22.88 16.44
C ALA A 101 -0.77 23.49 17.59
N ALA A 102 -0.08 24.01 18.60
CA ALA A 102 -0.67 24.73 19.76
C ALA A 102 -1.56 25.88 19.25
N ALA A 103 -1.03 26.72 18.36
CA ALA A 103 -1.71 27.92 17.79
C ALA A 103 -2.80 27.54 16.77
N MET A 104 -2.90 26.28 16.34
CA MET A 104 -3.78 25.85 15.22
C MET A 104 -5.18 25.48 15.72
N ASP A 105 -6.22 26.00 15.06
CA ASP A 105 -7.63 25.57 15.24
C ASP A 105 -7.66 24.03 15.12
N PRO A 106 -8.03 23.29 16.18
CA PRO A 106 -8.23 21.85 16.07
C PRO A 106 -9.10 21.43 14.86
N GLN A 107 -9.95 22.32 14.38
CA GLN A 107 -10.69 22.11 13.10
C GLN A 107 -9.69 21.91 11.95
N GLN A 108 -8.66 22.75 11.87
CA GLN A 108 -7.60 22.67 10.82
C GLN A 108 -6.92 21.30 10.96
N ARG A 109 -6.50 20.97 12.18
CA ARG A 109 -5.79 19.71 12.56
C ARG A 109 -6.62 18.50 12.15
N LEU A 110 -7.91 18.48 12.50
CA LEU A 110 -8.83 17.34 12.24
C LEU A 110 -9.02 17.19 10.73
N VAL A 111 -9.16 18.29 9.99
CA VAL A 111 -9.49 18.21 8.54
C VAL A 111 -8.24 17.68 7.80
N LEU A 112 -7.03 18.07 8.22
CA LEU A 112 -5.78 17.43 7.71
C LEU A 112 -5.90 15.91 7.89
N GLU A 113 -6.11 15.43 9.13
CA GLU A 113 -6.25 13.99 9.45
C GLU A 113 -7.29 13.35 8.52
N LEU A 114 -8.48 13.97 8.41
CA LEU A 114 -9.63 13.45 7.62
C LEU A 114 -9.29 13.41 6.13
N SER A 115 -8.52 14.39 5.65
CA SER A 115 -8.04 14.50 4.25
C SER A 115 -7.20 13.26 3.94
N TRP A 116 -6.14 13.02 4.72
CA TRP A 116 -5.26 11.84 4.51
C TRP A 116 -6.09 10.55 4.55
N GLU A 117 -7.07 10.45 5.45
CA GLU A 117 -7.86 9.21 5.71
C GLU A 117 -8.88 8.98 4.57
N ALA A 118 -9.34 10.08 3.95
CA ALA A 118 -10.30 10.05 2.84
C ALA A 118 -9.59 9.49 1.59
N LEU A 119 -8.37 9.96 1.35
CA LEU A 119 -7.54 9.53 0.19
C LEU A 119 -7.18 8.04 0.36
N GLU A 120 -6.56 7.66 1.48
CA GLU A 120 -6.26 6.24 1.86
C GLU A 120 -7.53 5.39 1.74
N GLY A 121 -8.69 5.93 2.13
CA GLY A 121 -9.98 5.24 2.04
C GLY A 121 -10.34 4.94 0.59
N ALA A 122 -10.04 5.86 -0.32
CA ALA A 122 -10.36 5.79 -1.76
C ALA A 122 -9.35 4.92 -2.51
N GLY A 123 -8.15 4.77 -1.92
CA GLY A 123 -7.06 3.94 -2.44
C GLY A 123 -5.96 4.76 -3.07
N LEU A 124 -6.13 6.09 -3.19
CA LEU A 124 -5.16 6.99 -3.88
C LEU A 124 -3.95 7.23 -2.95
N VAL A 125 -2.74 7.10 -3.47
CA VAL A 125 -1.45 7.35 -2.77
C VAL A 125 -1.19 8.85 -2.83
N PRO A 126 -1.41 9.60 -1.72
CA PRO A 126 -1.35 11.06 -1.73
C PRO A 126 -0.20 11.73 -2.50
N ALA A 127 0.99 11.13 -2.53
CA ALA A 127 2.16 11.69 -3.24
C ALA A 127 1.87 11.81 -4.75
N THR A 128 0.96 10.97 -5.29
CA THR A 128 0.63 10.95 -6.73
C THR A 128 -0.21 12.17 -7.10
N LEU A 129 -0.77 12.88 -6.11
CA LEU A 129 -1.69 14.03 -6.35
C LEU A 129 -0.89 15.34 -6.30
N ARG A 130 0.37 15.29 -5.86
CA ARG A 130 1.31 16.44 -5.82
C ARG A 130 1.35 17.10 -7.22
N ASP A 131 0.88 18.34 -7.32
CA ASP A 131 0.91 19.22 -8.54
C ASP A 131 -0.27 18.93 -9.46
N THR A 132 -1.25 18.11 -9.04
CA THR A 132 -2.48 17.84 -9.82
C THR A 132 -3.50 18.94 -9.49
N GLY A 133 -4.68 18.88 -10.10
CA GLY A 133 -5.75 19.89 -9.92
C GLY A 133 -6.80 19.41 -8.96
N LEU A 134 -6.37 18.95 -7.77
CA LEU A 134 -7.25 18.52 -6.66
C LEU A 134 -7.89 19.75 -6.00
N GLY A 135 -9.21 19.75 -5.87
CA GLY A 135 -10.00 20.84 -5.24
C GLY A 135 -10.34 20.53 -3.80
N VAL A 136 -10.26 21.54 -2.92
CA VAL A 136 -10.66 21.42 -1.49
C VAL A 136 -11.79 22.39 -1.20
N PHE A 137 -12.92 21.87 -0.73
CA PHE A 137 -14.18 22.59 -0.47
C PHE A 137 -14.72 22.17 0.90
N VAL A 138 -14.63 23.05 1.91
CA VAL A 138 -14.95 22.69 3.32
C VAL A 138 -15.96 23.70 3.89
N GLY A 139 -17.07 23.21 4.43
CA GLY A 139 -18.00 23.99 5.27
C GLY A 139 -17.44 24.18 6.67
N ALA A 140 -17.21 25.43 7.06
CA ALA A 140 -16.80 25.84 8.42
C ALA A 140 -17.50 27.16 8.79
N ALA A 141 -18.26 27.17 9.89
CA ALA A 141 -19.17 28.28 10.25
C ALA A 141 -18.85 28.83 11.66
N ARG A 142 -17.75 28.40 12.28
CA ARG A 142 -17.41 28.69 13.70
C ARG A 142 -15.89 28.79 13.86
N ASP A 143 -15.42 29.66 14.76
CA ASP A 143 -13.98 29.89 15.06
C ASP A 143 -13.74 29.87 16.58
N ASP A 144 -14.34 28.93 17.30
CA ASP A 144 -14.27 28.78 18.78
C ASP A 144 -12.83 28.97 19.27
N TYR A 145 -11.84 28.31 18.68
CA TYR A 145 -10.43 28.32 19.16
C TYR A 145 -9.86 29.74 19.09
N ALA A 146 -10.24 30.50 18.06
CA ALA A 146 -9.86 31.93 17.95
C ALA A 146 -10.43 32.70 19.14
N THR A 147 -11.63 32.30 19.62
CA THR A 147 -12.29 32.92 20.80
C THR A 147 -11.44 32.62 22.05
N LEU A 148 -11.02 31.37 22.25
CA LEU A 148 -10.13 30.95 23.37
C LEU A 148 -8.82 31.74 23.32
N TYR A 149 -8.21 31.85 22.14
CA TYR A 149 -6.92 32.56 21.93
C TYR A 149 -7.10 34.05 22.30
N ARG A 150 -8.15 34.68 21.80
CA ARG A 150 -8.34 36.16 21.90
C ARG A 150 -8.76 36.57 23.31
N ARG A 151 -9.53 35.76 24.03
CA ARG A 151 -10.05 36.18 25.36
C ARG A 151 -8.89 36.15 26.37
N ARG A 152 -7.78 35.47 26.04
CA ARG A 152 -6.51 35.47 26.83
C ARG A 152 -5.52 36.44 26.17
N VAL A 157 1.39 37.53 21.52
CA VAL A 157 0.94 36.98 20.20
C VAL A 157 2.16 36.78 19.31
N ASP A 158 2.24 35.62 18.64
CA ASP A 158 3.35 35.24 17.72
C ASP A 158 2.83 35.17 16.28
N HIS A 159 3.75 34.96 15.33
CA HIS A 159 3.46 34.88 13.87
C HIS A 159 2.49 33.72 13.60
N HIS A 160 2.37 32.76 14.53
CA HIS A 160 1.60 31.51 14.32
C HIS A 160 0.09 31.79 14.35
N ALA A 161 -0.37 32.76 15.14
CA ALA A 161 -1.80 33.04 15.42
C ALA A 161 -2.60 33.26 14.13
N MET A 162 -2.08 34.14 13.26
CA MET A 162 -2.65 34.53 11.94
C MET A 162 -3.16 33.32 11.15
N THR A 163 -2.28 32.37 10.82
CA THR A 163 -2.60 31.17 9.98
C THR A 163 -3.35 30.12 10.80
N GLY A 164 -3.03 29.99 12.08
CA GLY A 164 -3.64 29.03 13.02
C GLY A 164 -5.10 29.33 13.31
N LEU A 165 -5.49 30.62 13.38
CA LEU A 165 -6.87 31.03 13.80
C LEU A 165 -7.69 31.53 12.61
N HIS A 166 -7.14 31.56 11.39
CA HIS A 166 -7.88 32.07 10.19
C HIS A 166 -8.60 30.90 9.52
N ARG A 167 -9.90 31.05 9.25
CA ARG A 167 -10.80 29.94 8.85
C ARG A 167 -10.38 29.39 7.49
N SER A 168 -9.83 30.25 6.62
CA SER A 168 -9.50 29.94 5.21
C SER A 168 -8.55 28.73 5.15
N LEU A 169 -7.70 28.56 6.16
CA LEU A 169 -6.65 27.51 6.17
C LEU A 169 -7.20 26.16 6.60
N ILE A 170 -8.47 26.07 6.98
CA ILE A 170 -9.16 24.75 7.11
C ILE A 170 -9.06 24.05 5.76
N ALA A 171 -9.28 24.75 4.65
CA ALA A 171 -9.14 24.21 3.26
C ALA A 171 -7.70 24.35 2.78
N ASN A 172 -7.12 25.54 2.93
CA ASN A 172 -5.83 25.92 2.29
C ASN A 172 -4.71 25.01 2.78
N ARG A 173 -4.75 24.57 4.04
CA ARG A 173 -3.65 23.78 4.67
C ARG A 173 -3.64 22.39 4.02
N ILE A 174 -4.84 21.86 3.73
CA ILE A 174 -5.03 20.56 3.01
C ILE A 174 -4.31 20.71 1.67
N SER A 175 -4.63 21.80 0.95
CA SER A 175 -4.09 22.16 -0.39
C SER A 175 -2.56 22.28 -0.34
N TYR A 176 -2.00 22.94 0.67
CA TYR A 176 -0.53 23.11 0.81
C TYR A 176 0.17 21.77 1.11
N ALA A 177 -0.43 20.93 1.96
CA ALA A 177 0.16 19.64 2.40
C ALA A 177 0.18 18.61 1.25
N LEU A 178 -0.91 18.49 0.50
CA LEU A 178 -1.03 17.62 -0.69
C LEU A 178 -0.33 18.24 -1.91
N GLY A 179 0.04 19.52 -1.88
CA GLY A 179 0.63 20.23 -3.04
C GLY A 179 -0.33 20.33 -4.22
N ALA A 180 -1.65 20.44 -3.96
CA ALA A 180 -2.72 20.48 -4.98
C ALA A 180 -2.92 21.92 -5.47
N HIS A 181 -3.23 22.09 -6.76
CA HIS A 181 -3.38 23.40 -7.45
C HIS A 181 -4.84 23.71 -7.73
N GLY A 182 -5.78 22.79 -7.47
CA GLY A 182 -7.22 23.05 -7.68
C GLY A 182 -7.70 24.20 -6.81
N PRO A 183 -8.95 24.70 -6.99
CA PRO A 183 -9.54 25.68 -6.07
C PRO A 183 -9.60 25.13 -4.64
N SER A 184 -9.29 26.00 -3.65
CA SER A 184 -9.24 25.69 -2.20
C SER A 184 -10.03 26.75 -1.46
N MET A 185 -11.18 26.38 -0.90
CA MET A 185 -12.04 27.40 -0.22
C MET A 185 -12.80 26.80 0.98
N VAL A 186 -13.05 27.65 1.97
CA VAL A 186 -14.07 27.44 3.03
C VAL A 186 -15.32 28.22 2.58
N VAL A 187 -16.50 27.66 2.82
CA VAL A 187 -17.81 28.30 2.53
C VAL A 187 -18.63 28.33 3.82
N ASP A 188 -19.34 29.42 4.07
CA ASP A 188 -20.19 29.56 5.27
C ASP A 188 -21.60 29.92 4.81
N THR A 189 -22.48 28.91 4.84
CA THR A 189 -23.95 29.07 4.70
C THR A 189 -24.60 28.65 6.02
N GLY A 190 -23.83 28.59 7.10
CA GLY A 190 -24.32 28.19 8.43
C GLY A 190 -24.50 26.68 8.53
N GLN A 191 -25.70 26.25 8.91
CA GLN A 191 -25.99 24.82 9.23
C GLN A 191 -26.17 24.00 7.95
N SER A 192 -25.93 24.58 6.77
CA SER A 192 -25.94 23.88 5.46
C SER A 192 -24.55 23.92 4.79
N SER A 193 -23.54 24.50 5.45
CA SER A 193 -22.18 24.75 4.90
C SER A 193 -21.60 23.47 4.28
N SER A 194 -21.71 22.32 4.95
CA SER A 194 -20.93 21.10 4.61
C SER A 194 -21.49 20.46 3.32
N LEU A 195 -22.80 20.56 3.08
CA LEU A 195 -23.42 19.96 1.87
C LEU A 195 -23.23 20.89 0.66
N VAL A 196 -23.41 22.20 0.85
CA VAL A 196 -23.07 23.25 -0.15
C VAL A 196 -21.61 23.07 -0.58
N ALA A 197 -20.72 22.66 0.33
CA ALA A 197 -19.28 22.45 0.01
C ALA A 197 -19.18 21.35 -1.04
N VAL A 198 -19.96 20.28 -0.84
CA VAL A 198 -20.11 19.10 -1.74
C VAL A 198 -20.59 19.60 -3.12
N HIS A 199 -21.66 20.40 -3.14
CA HIS A 199 -22.26 20.94 -4.39
C HIS A 199 -21.21 21.68 -5.22
N LEU A 200 -20.49 22.62 -4.60
CA LEU A 200 -19.46 23.47 -5.27
C LEU A 200 -18.31 22.59 -5.80
N ALA A 201 -18.11 21.42 -5.21
CA ALA A 201 -17.07 20.44 -5.63
C ALA A 201 -17.56 19.68 -6.86
N CYS A 202 -18.84 19.28 -6.88
CA CYS A 202 -19.50 18.57 -8.02
C CYS A 202 -19.46 19.48 -9.25
N GLU A 203 -19.91 20.72 -9.10
CA GLU A 203 -19.91 21.74 -10.19
C GLU A 203 -18.45 21.99 -10.62
N SER A 204 -17.53 22.09 -9.67
CA SER A 204 -16.08 22.29 -9.95
C SER A 204 -15.60 21.16 -10.87
N LEU A 205 -15.99 19.92 -10.57
CA LEU A 205 -15.53 18.70 -11.31
C LEU A 205 -16.17 18.70 -12.70
N ARG A 206 -17.47 18.95 -12.79
CA ARG A 206 -18.24 19.06 -14.05
C ARG A 206 -17.58 20.05 -15.02
N ARG A 207 -17.09 21.21 -14.54
CA ARG A 207 -16.51 22.31 -15.38
C ARG A 207 -15.04 22.01 -15.71
N GLY A 208 -14.47 20.91 -15.20
CA GLY A 208 -13.05 20.55 -15.39
C GLY A 208 -12.10 21.46 -14.63
N GLU A 209 -12.63 22.34 -13.78
CA GLU A 209 -11.85 23.23 -12.88
C GLU A 209 -10.93 22.39 -11.97
N SER A 210 -11.40 21.21 -11.55
CA SER A 210 -10.67 20.23 -10.71
C SER A 210 -10.93 18.80 -11.22
N ASP A 211 -9.95 17.90 -11.10
CA ASP A 211 -10.00 16.49 -11.61
C ASP A 211 -10.46 15.53 -10.50
N ILE A 212 -10.06 15.83 -9.25
CA ILE A 212 -10.52 15.19 -7.98
C ILE A 212 -10.91 16.31 -7.01
N ALA A 213 -11.86 16.05 -6.10
CA ALA A 213 -12.29 17.02 -5.08
C ALA A 213 -12.48 16.37 -3.70
N LEU A 214 -11.84 16.97 -2.68
CA LEU A 214 -12.15 16.74 -1.25
C LEU A 214 -13.24 17.73 -0.88
N ALA A 215 -14.37 17.25 -0.40
CA ALA A 215 -15.50 18.09 0.04
C ALA A 215 -16.05 17.56 1.37
N GLY A 216 -16.62 18.47 2.17
CA GLY A 216 -17.36 18.16 3.41
C GLY A 216 -17.37 19.34 4.35
N GLY A 217 -17.04 19.12 5.61
CA GLY A 217 -17.02 20.20 6.62
C GLY A 217 -16.55 19.73 7.98
N VAL A 218 -16.56 20.65 8.93
CA VAL A 218 -15.97 20.47 10.28
C VAL A 218 -16.65 21.48 11.21
N ASN A 219 -16.87 21.09 12.45
CA ASN A 219 -17.50 21.93 13.49
C ASN A 219 -17.06 21.40 14.84
N LEU A 220 -16.24 22.16 15.59
CA LEU A 220 -15.79 21.79 16.95
C LEU A 220 -16.34 22.80 17.96
N ASN A 221 -17.02 22.28 18.99
CA ASN A 221 -17.73 23.06 20.04
C ASN A 221 -16.80 23.14 21.25
N ILE A 222 -15.86 24.09 21.25
CA ILE A 222 -14.72 24.16 22.22
C ILE A 222 -14.67 25.55 22.85
N ALA A 223 -15.83 26.22 22.94
CA ALA A 223 -16.00 27.57 23.56
C ALA A 223 -17.45 27.68 24.08
N ALA A 224 -17.59 28.07 25.34
CA ALA A 224 -18.91 28.24 26.03
C ALA A 224 -19.67 29.38 25.37
N GLU A 225 -18.95 30.35 24.80
CA GLU A 225 -19.47 31.66 24.34
C GLU A 225 -20.43 31.38 23.19
N SER A 226 -20.11 30.39 22.34
CA SER A 226 -20.98 29.97 21.21
C SER A 226 -22.11 29.07 21.73
N ALA A 227 -21.88 28.34 22.82
CA ALA A 227 -22.88 27.48 23.51
C ALA A 227 -24.00 28.36 24.05
N ARG A 228 -23.62 29.51 24.62
CA ARG A 228 -24.52 30.48 25.28
C ARG A 228 -25.26 31.30 24.22
N GLU A 229 -24.62 31.55 23.09
CA GLU A 229 -25.20 32.34 21.97
C GLU A 229 -26.33 31.54 21.30
N THR A 230 -26.12 30.22 21.08
CA THR A 230 -27.15 29.33 20.46
C THR A 230 -28.23 29.00 21.51
N ALA A 231 -27.87 28.90 22.79
CA ALA A 231 -28.82 28.72 23.91
C ALA A 231 -29.84 29.87 23.93
N ALA A 232 -29.35 31.11 23.92
CA ALA A 232 -30.13 32.38 23.98
C ALA A 232 -31.01 32.53 22.73
N PHE A 233 -30.62 31.91 21.61
CA PHE A 233 -31.43 31.89 20.36
C PHE A 233 -32.78 31.19 20.61
N GLY A 234 -32.80 30.16 21.47
CA GLY A 234 -34.01 29.37 21.82
C GLY A 234 -34.07 28.05 21.04
N GLY A 235 -33.05 27.74 20.24
CA GLY A 235 -33.05 26.56 19.36
C GLY A 235 -32.84 25.24 20.08
N LEU A 236 -32.40 25.22 21.35
CA LEU A 236 -31.88 24.00 22.02
C LEU A 236 -32.99 23.26 22.78
N SER A 237 -33.06 21.95 22.60
CA SER A 237 -33.89 21.01 23.39
C SER A 237 -33.43 21.00 24.85
N PRO A 238 -34.29 21.40 25.82
CA PRO A 238 -33.98 21.23 27.25
C PRO A 238 -33.70 19.78 27.68
N ASP A 239 -34.24 18.80 26.95
CA ASP A 239 -34.03 17.34 27.20
C ASP A 239 -32.71 16.87 26.57
N GLY A 240 -32.11 17.66 25.67
CA GLY A 240 -30.85 17.30 24.98
C GLY A 240 -31.03 16.20 23.94
N GLN A 241 -32.16 16.18 23.23
CA GLN A 241 -32.43 15.20 22.13
C GLN A 241 -33.11 15.89 20.96
N CYS A 242 -32.66 15.58 19.74
CA CYS A 242 -33.43 15.79 18.49
C CYS A 242 -34.57 14.74 18.43
N PHE A 243 -35.78 15.13 18.82
CA PHE A 243 -37.02 14.32 18.66
C PHE A 243 -37.55 14.51 17.23
N THR A 244 -36.82 14.01 16.24
CA THR A 244 -37.04 14.31 14.80
C THR A 244 -38.37 13.69 14.37
N PHE A 245 -39.36 14.55 14.10
CA PHE A 245 -40.74 14.25 13.60
C PHE A 245 -41.59 13.66 14.72
N ASP A 246 -40.99 13.42 15.89
CA ASP A 246 -41.71 12.99 17.12
C ASP A 246 -42.42 14.24 17.67
N ALA A 247 -43.42 14.03 18.54
CA ALA A 247 -44.29 15.09 19.12
C ALA A 247 -43.61 15.76 20.33
N ARG A 248 -42.48 15.23 20.78
CA ARG A 248 -41.73 15.82 21.92
C ARG A 248 -40.83 16.94 21.39
N ALA A 249 -40.67 17.02 20.06
CA ALA A 249 -39.90 18.08 19.35
C ALA A 249 -39.92 19.37 20.17
N ASN A 250 -38.76 19.83 20.63
CA ASN A 250 -38.61 21.05 21.46
C ASN A 250 -37.22 21.67 21.25
N GLY A 251 -36.60 21.42 20.09
CA GLY A 251 -35.26 21.95 19.76
C GLY A 251 -34.29 20.84 19.43
N PHE A 252 -33.08 21.21 19.03
CA PHE A 252 -31.96 20.30 18.66
C PHE A 252 -30.97 20.21 19.81
N VAL A 253 -30.17 19.16 19.82
CA VAL A 253 -28.97 19.04 20.69
C VAL A 253 -27.76 19.24 19.77
N ARG A 254 -26.76 19.97 20.27
CA ARG A 254 -25.49 20.26 19.52
C ARG A 254 -24.69 18.97 19.39
N GLY A 255 -23.92 18.88 18.33
CA GLY A 255 -22.88 17.86 18.11
C GLY A 255 -21.69 18.45 17.41
N GLU A 256 -20.58 17.73 17.35
CA GLU A 256 -19.33 18.22 16.73
C GLU A 256 -18.72 17.07 15.96
N GLY A 257 -17.85 17.41 15.02
CA GLY A 257 -17.10 16.46 14.20
C GLY A 257 -16.79 17.03 12.83
N GLY A 258 -16.51 16.14 11.90
CA GLY A 258 -16.16 16.47 10.51
C GLY A 258 -16.31 15.26 9.63
N GLY A 259 -16.52 15.50 8.33
CA GLY A 259 -16.58 14.45 7.32
C GLY A 259 -16.01 14.99 6.02
N LEU A 260 -15.34 14.13 5.27
CA LEU A 260 -14.89 14.43 3.89
C LEU A 260 -15.31 13.27 3.00
N VAL A 261 -15.74 13.57 1.76
CA VAL A 261 -15.92 12.59 0.65
C VAL A 261 -14.84 12.86 -0.39
N VAL A 262 -14.36 11.82 -1.07
CA VAL A 262 -13.46 11.95 -2.26
C VAL A 262 -14.33 11.86 -3.52
N LEU A 263 -14.26 12.90 -4.35
CA LEU A 263 -15.13 13.08 -5.54
C LEU A 263 -14.28 13.07 -6.81
N LYS A 264 -14.77 12.31 -7.79
CA LYS A 264 -14.23 12.21 -9.17
C LYS A 264 -15.46 12.12 -10.07
N THR A 265 -15.39 12.57 -11.32
CA THR A 265 -16.49 12.30 -12.30
C THR A 265 -16.71 10.78 -12.36
N LEU A 266 -17.95 10.32 -12.53
CA LEU A 266 -18.24 8.88 -12.67
C LEU A 266 -17.39 8.29 -13.81
N ARG A 267 -17.37 8.96 -14.97
CA ARG A 267 -16.48 8.65 -16.12
C ARG A 267 -15.07 8.30 -15.59
N ARG A 268 -14.38 9.29 -15.01
CA ARG A 268 -12.96 9.19 -14.60
C ARG A 268 -12.81 8.08 -13.54
N ALA A 269 -13.85 7.85 -12.75
CA ALA A 269 -13.86 6.87 -11.64
C ALA A 269 -13.68 5.46 -12.22
N LEU A 270 -14.61 5.07 -13.10
CA LEU A 270 -14.66 3.73 -13.75
C LEU A 270 -13.37 3.53 -14.56
N ALA A 271 -13.00 4.51 -15.39
CA ALA A 271 -11.76 4.52 -16.21
C ALA A 271 -10.55 4.15 -15.34
N ASP A 272 -10.29 4.93 -14.27
CA ASP A 272 -9.10 4.79 -13.38
C ASP A 272 -9.23 3.57 -12.46
N GLY A 273 -10.38 2.87 -12.49
CA GLY A 273 -10.63 1.59 -11.78
C GLY A 273 -10.59 1.77 -10.27
N ASP A 274 -11.34 2.76 -9.77
CA ASP A 274 -11.32 3.22 -8.36
C ASP A 274 -12.59 2.68 -7.69
N LEU A 275 -12.49 2.34 -6.40
CA LEU A 275 -13.59 1.87 -5.54
C LEU A 275 -14.68 2.93 -5.58
N VAL A 276 -15.84 2.61 -6.13
CA VAL A 276 -17.01 3.55 -6.20
C VAL A 276 -17.96 3.19 -5.06
N HIS A 277 -18.13 4.14 -4.14
CA HIS A 277 -18.84 4.00 -2.84
C HIS A 277 -20.31 4.41 -3.02
N GLY A 278 -20.66 5.03 -4.15
CA GLY A 278 -21.95 5.74 -4.39
C GLY A 278 -21.74 6.87 -5.39
N VAL A 279 -22.81 7.41 -5.99
CA VAL A 279 -22.67 8.45 -7.06
C VAL A 279 -23.71 9.56 -6.85
N ILE A 280 -23.23 10.79 -6.81
CA ILE A 280 -24.08 12.01 -6.72
C ILE A 280 -24.62 12.26 -8.13
N LEU A 281 -25.94 12.23 -8.30
CA LEU A 281 -26.60 12.42 -9.60
C LEU A 281 -26.79 13.91 -9.84
N ALA A 282 -27.27 14.62 -8.81
CA ALA A 282 -27.65 16.04 -8.87
C ALA A 282 -27.50 16.67 -7.47
N SER A 283 -26.82 17.82 -7.40
CA SER A 283 -26.75 18.71 -6.22
C SER A 283 -27.35 20.07 -6.59
N ALA A 284 -28.15 20.65 -5.70
CA ALA A 284 -28.74 22.00 -5.86
C ALA A 284 -28.65 22.77 -4.54
N VAL A 285 -28.58 24.10 -4.60
CA VAL A 285 -28.65 25.00 -3.41
C VAL A 285 -29.44 26.24 -3.81
N ASN A 286 -30.39 26.65 -2.97
CA ASN A 286 -31.21 27.87 -3.15
C ASN A 286 -31.21 28.65 -1.82
N ASN A 287 -32.10 29.62 -1.64
CA ASN A 287 -32.31 30.33 -0.35
C ASN A 287 -33.82 30.48 -0.14
N ASP A 288 -34.27 30.48 1.12
CA ASP A 288 -35.71 30.64 1.48
C ASP A 288 -36.32 31.80 0.68
N GLY A 289 -35.53 32.85 0.41
CA GLY A 289 -36.10 34.14 -0.02
C GLY A 289 -37.00 34.70 1.08
N PRO A 290 -38.23 35.16 0.78
CA PRO A 290 -39.04 35.91 1.73
C PRO A 290 -39.78 35.03 2.76
N SER A 291 -39.06 34.56 3.76
CA SER A 291 -39.56 33.77 4.92
C SER A 291 -40.32 34.70 5.90
N ASP A 292 -41.07 34.14 6.85
CA ASP A 292 -41.87 34.91 7.84
C ASP A 292 -40.93 35.75 8.71
N THR A 293 -39.92 35.08 9.28
CA THR A 293 -38.76 35.61 10.04
C THR A 293 -37.51 35.31 9.21
N LEU A 294 -36.40 36.01 9.46
CA LEU A 294 -35.08 35.72 8.84
C LEU A 294 -34.73 34.23 8.99
N THR A 295 -35.08 33.64 10.15
CA THR A 295 -34.58 32.33 10.63
C THR A 295 -35.61 31.22 10.38
N THR A 296 -36.86 31.58 10.09
CA THR A 296 -37.92 30.62 9.68
C THR A 296 -37.56 30.06 8.30
N PRO A 297 -37.60 28.72 8.13
CA PRO A 297 -37.51 28.12 6.79
C PRO A 297 -38.83 28.30 6.03
N SER A 298 -38.78 28.29 4.70
CA SER A 298 -39.96 28.44 3.81
C SER A 298 -40.23 27.09 3.14
N ARG A 299 -41.46 26.57 3.27
CA ARG A 299 -41.94 25.35 2.57
C ARG A 299 -41.79 25.53 1.05
N ARG A 300 -42.13 26.72 0.54
CA ARG A 300 -42.09 27.02 -0.91
C ARG A 300 -40.67 26.72 -1.42
N ALA A 301 -39.67 27.36 -0.82
CA ALA A 301 -38.25 27.32 -1.24
C ALA A 301 -37.73 25.87 -1.21
N GLN A 302 -38.21 25.04 -0.28
CA GLN A 302 -37.73 23.64 -0.12
C GLN A 302 -38.31 22.78 -1.25
N GLU A 303 -39.60 22.96 -1.56
CA GLU A 303 -40.29 22.31 -2.72
C GLU A 303 -39.53 22.65 -4.01
N SER A 304 -39.26 23.93 -4.24
CA SER A 304 -38.55 24.46 -5.44
C SER A 304 -37.16 23.85 -5.56
N LEU A 305 -36.49 23.58 -4.43
CA LEU A 305 -35.13 22.97 -4.40
C LEU A 305 -35.23 21.49 -4.74
N LEU A 306 -36.21 20.80 -4.15
CA LEU A 306 -36.45 19.34 -4.36
C LEU A 306 -36.83 19.13 -5.83
N THR A 307 -37.93 19.75 -6.30
CA THR A 307 -38.46 19.59 -7.69
C THR A 307 -37.26 19.69 -8.65
N ARG A 308 -36.43 20.72 -8.51
CA ARG A 308 -35.31 21.02 -9.45
C ARG A 308 -34.26 19.91 -9.38
N VAL A 309 -33.73 19.61 -8.19
CA VAL A 309 -32.54 18.72 -8.05
C VAL A 309 -32.88 17.32 -8.59
N TYR A 310 -34.08 16.81 -8.31
CA TYR A 310 -34.52 15.45 -8.71
C TYR A 310 -34.69 15.42 -10.24
N ARG A 311 -35.45 16.36 -10.81
CA ARG A 311 -35.62 16.54 -12.28
C ARG A 311 -34.27 16.57 -13.00
N ARG A 312 -33.22 17.10 -12.39
CA ARG A 312 -31.87 17.17 -13.01
C ARG A 312 -31.28 15.75 -13.05
N ALA A 313 -31.63 14.90 -12.07
CA ALA A 313 -31.17 13.50 -11.94
C ALA A 313 -32.19 12.54 -12.58
N GLY A 314 -33.46 12.95 -12.67
CA GLY A 314 -34.55 12.21 -13.35
C GLY A 314 -35.11 11.12 -12.47
N VAL A 315 -35.38 11.45 -11.21
CA VAL A 315 -35.79 10.47 -10.18
C VAL A 315 -37.20 10.87 -9.73
N THR A 316 -38.13 9.92 -9.74
CA THR A 316 -39.57 10.14 -9.42
C THR A 316 -39.77 9.85 -7.95
N PRO A 317 -40.86 10.34 -7.33
CA PRO A 317 -41.21 9.98 -5.95
C PRO A 317 -40.98 8.50 -5.59
N THR A 318 -41.18 7.58 -6.54
CA THR A 318 -41.14 6.11 -6.33
C THR A 318 -39.71 5.57 -6.46
N GLU A 319 -38.78 6.27 -7.13
CA GLU A 319 -37.39 5.77 -7.36
C GLU A 319 -36.49 6.08 -6.15
N VAL A 320 -36.88 7.05 -5.31
CA VAL A 320 -36.16 7.44 -4.07
C VAL A 320 -36.46 6.38 -3.00
N GLY A 321 -35.42 5.71 -2.50
CA GLY A 321 -35.52 4.65 -1.47
C GLY A 321 -35.64 5.20 -0.06
N TYR A 322 -34.97 6.32 0.24
CA TYR A 322 -34.84 6.92 1.60
C TYR A 322 -34.35 8.36 1.50
N VAL A 323 -34.81 9.22 2.42
CA VAL A 323 -34.36 10.64 2.52
C VAL A 323 -33.74 10.90 3.90
N GLU A 324 -32.45 11.25 3.91
CA GLU A 324 -31.68 11.72 5.11
C GLU A 324 -31.99 13.20 5.34
N LEU A 325 -32.91 13.46 6.27
CA LEU A 325 -33.47 14.80 6.58
C LEU A 325 -32.38 15.73 7.10
N HIS A 326 -32.67 17.02 7.14
CA HIS A 326 -32.09 17.97 8.11
C HIS A 326 -32.60 17.57 9.51
N GLY A 327 -33.92 17.61 9.72
CA GLY A 327 -34.61 17.04 10.90
C GLY A 327 -33.92 17.41 12.20
N THR A 328 -33.85 18.72 12.49
CA THR A 328 -33.20 19.28 13.69
C THR A 328 -34.01 18.91 14.94
N GLY A 329 -35.33 18.74 14.78
CA GLY A 329 -36.28 18.47 15.89
C GLY A 329 -36.84 19.76 16.45
N THR A 330 -36.82 20.84 15.68
CA THR A 330 -37.43 22.16 16.04
C THR A 330 -38.93 22.13 15.74
N LYS A 331 -39.76 22.69 16.64
CA LYS A 331 -41.24 22.77 16.50
C LYS A 331 -41.63 23.35 15.14
N VAL A 332 -40.98 24.45 14.74
CA VAL A 332 -41.28 25.21 13.48
C VAL A 332 -40.75 24.43 12.26
N GLY A 333 -39.49 23.98 12.33
CA GLY A 333 -38.67 23.55 11.17
C GLY A 333 -38.96 22.14 10.71
N ASP A 334 -39.42 21.26 11.61
CA ASP A 334 -39.75 19.84 11.32
C ASP A 334 -40.95 19.77 10.38
N PRO A 335 -42.14 20.29 10.77
CA PRO A 335 -43.32 20.32 9.91
C PRO A 335 -43.11 20.90 8.49
N ILE A 336 -42.41 22.01 8.40
CA ILE A 336 -42.09 22.68 7.11
C ILE A 336 -41.28 21.71 6.25
N GLU A 337 -40.28 21.03 6.80
CA GLU A 337 -39.40 20.12 6.01
C GLU A 337 -40.19 18.87 5.61
N ALA A 338 -41.09 18.42 6.49
CA ALA A 338 -42.01 17.28 6.26
C ALA A 338 -42.93 17.65 5.10
N ALA A 339 -43.73 18.71 5.30
CA ALA A 339 -44.70 19.24 4.33
C ALA A 339 -44.05 19.34 2.94
N ALA A 340 -42.78 19.74 2.85
CA ALA A 340 -42.07 20.02 1.57
C ALA A 340 -41.64 18.70 0.90
N LEU A 341 -41.24 17.70 1.68
CA LEU A 341 -40.85 16.35 1.18
C LEU A 341 -42.12 15.57 0.78
N GLY A 342 -43.20 15.74 1.55
CA GLY A 342 -44.56 15.29 1.19
C GLY A 342 -44.92 15.72 -0.21
N ALA A 343 -45.22 17.02 -0.38
CA ALA A 343 -45.68 17.65 -1.65
C ALA A 343 -44.90 17.09 -2.86
N VAL A 344 -43.57 16.92 -2.74
CA VAL A 344 -42.70 16.58 -3.90
C VAL A 344 -42.62 15.06 -4.07
N LEU A 345 -42.38 14.30 -2.99
CA LEU A 345 -42.08 12.85 -3.05
C LEU A 345 -43.16 11.99 -2.36
N GLY A 346 -44.10 12.62 -1.64
CA GLY A 346 -45.22 11.95 -0.97
C GLY A 346 -46.35 11.61 -1.94
N THR A 347 -46.81 12.62 -2.71
CA THR A 347 -47.70 12.44 -3.88
C THR A 347 -46.92 11.71 -4.99
N GLY A 348 -47.57 10.80 -5.70
CA GLY A 348 -47.00 10.01 -6.80
C GLY A 348 -46.24 8.79 -6.32
N ARG A 349 -46.67 8.24 -5.18
CA ARG A 349 -45.98 7.13 -4.46
C ARG A 349 -47.04 6.27 -3.77
N ASP A 350 -47.00 4.95 -3.96
CA ASP A 350 -47.97 4.00 -3.33
C ASP A 350 -47.55 3.74 -1.88
N THR A 351 -46.27 3.40 -1.66
CA THR A 351 -45.65 3.16 -0.32
C THR A 351 -45.36 4.50 0.35
N PRO A 352 -45.36 4.58 1.71
CA PRO A 352 -44.71 5.68 2.41
C PRO A 352 -43.19 5.73 2.13
N LEU A 353 -42.59 6.93 2.18
CA LEU A 353 -41.14 7.18 1.95
C LEU A 353 -40.38 7.15 3.28
N PRO A 354 -39.37 6.26 3.46
CA PRO A 354 -38.59 6.21 4.70
C PRO A 354 -37.74 7.47 4.87
N VAL A 355 -37.80 8.09 6.05
CA VAL A 355 -36.99 9.29 6.43
C VAL A 355 -36.27 9.03 7.76
N GLY A 356 -35.07 9.58 7.92
CA GLY A 356 -34.31 9.54 9.18
C GLY A 356 -33.35 10.71 9.29
N SER A 357 -32.62 10.81 10.41
CA SER A 357 -31.74 11.96 10.74
C SER A 357 -30.63 11.54 11.72
N ILE A 358 -29.37 11.51 11.25
CA ILE A 358 -28.18 11.18 12.08
C ILE A 358 -28.11 12.14 13.28
N LYS A 359 -28.82 13.27 13.24
CA LYS A 359 -28.92 14.22 14.39
C LYS A 359 -29.58 13.56 15.60
N THR A 360 -30.31 12.45 15.41
CA THR A 360 -30.92 11.66 16.50
C THR A 360 -29.85 10.79 17.19
N ASN A 361 -28.68 10.59 16.57
CA ASN A 361 -27.57 9.76 17.13
C ASN A 361 -26.47 10.65 17.71
N ILE A 362 -26.00 11.66 16.97
CA ILE A 362 -24.76 12.42 17.26
C ILE A 362 -25.05 13.90 17.50
N GLY A 363 -26.32 14.34 17.39
CA GLY A 363 -26.69 15.76 17.54
C GLY A 363 -26.52 16.54 16.25
N HIS A 364 -26.73 17.85 16.33
CA HIS A 364 -26.73 18.82 15.21
C HIS A 364 -25.31 19.39 15.05
N LEU A 365 -24.57 18.95 14.03
CA LEU A 365 -23.13 19.31 13.84
C LEU A 365 -23.00 20.68 13.16
N GLU A 366 -24.14 21.29 12.83
CA GLU A 366 -24.21 22.68 12.29
C GLU A 366 -23.49 22.71 10.93
N GLY A 367 -22.37 23.41 10.82
CA GLY A 367 -21.57 23.49 9.59
C GLY A 367 -21.16 22.13 9.06
N ALA A 368 -21.11 21.08 9.90
CA ALA A 368 -20.69 19.72 9.48
C ALA A 368 -21.88 18.75 9.48
N ALA A 369 -23.11 19.27 9.63
CA ALA A 369 -24.38 18.49 9.74
C ALA A 369 -24.65 17.71 8.44
N GLY A 370 -24.49 18.38 7.30
CA GLY A 370 -24.83 17.87 5.96
C GLY A 370 -23.88 16.77 5.53
N ILE A 371 -22.56 16.94 5.70
CA ILE A 371 -21.57 15.87 5.35
C ILE A 371 -21.77 14.67 6.28
N ALA A 372 -22.29 14.89 7.49
CA ALA A 372 -22.67 13.81 8.43
C ALA A 372 -23.85 13.03 7.83
N GLY A 373 -24.88 13.76 7.40
CA GLY A 373 -26.08 13.20 6.73
C GLY A 373 -25.70 12.45 5.46
N LEU A 374 -24.78 12.99 4.68
CA LEU A 374 -24.38 12.38 3.38
C LEU A 374 -23.63 11.08 3.66
N ILE A 375 -22.71 11.09 4.63
CA ILE A 375 -21.85 9.91 4.94
C ILE A 375 -22.70 8.76 5.48
N LYS A 376 -23.78 9.04 6.21
CA LYS A 376 -24.77 8.02 6.61
C LYS A 376 -25.38 7.38 5.34
N ALA A 377 -26.17 8.15 4.59
CA ALA A 377 -26.81 7.76 3.31
C ALA A 377 -25.85 6.94 2.44
N LEU A 378 -24.59 7.34 2.34
CA LEU A 378 -23.56 6.61 1.55
C LEU A 378 -23.31 5.21 2.15
N LEU A 379 -23.37 5.06 3.49
CA LEU A 379 -23.18 3.75 4.17
C LEU A 379 -24.45 2.91 4.02
N GLN A 380 -25.62 3.49 4.27
CA GLN A 380 -26.93 2.83 3.98
C GLN A 380 -26.92 2.28 2.54
N LEU A 381 -26.28 2.98 1.59
CA LEU A 381 -26.27 2.62 0.14
C LEU A 381 -25.28 1.48 -0.13
N ARG A 382 -24.10 1.46 0.52
CA ARG A 382 -23.12 0.38 0.30
C ARG A 382 -23.61 -0.90 1.00
N ARG A 383 -24.07 -0.78 2.24
CA ARG A 383 -24.59 -1.91 3.08
C ARG A 383 -25.95 -2.39 2.55
N ARG A 384 -26.65 -1.56 1.77
CA ARG A 384 -27.96 -1.88 1.15
C ARG A 384 -28.99 -2.13 2.26
N ARG A 385 -28.81 -1.46 3.40
CA ARG A 385 -29.64 -1.61 4.62
C ARG A 385 -29.97 -0.23 5.18
N LEU A 386 -31.18 -0.06 5.71
CA LEU A 386 -31.60 1.15 6.47
C LEU A 386 -31.30 0.94 7.96
N VAL A 387 -31.12 2.06 8.68
CA VAL A 387 -30.85 2.11 10.14
C VAL A 387 -31.97 2.93 10.76
N PRO A 388 -32.21 2.80 12.08
CA PRO A 388 -33.29 3.54 12.72
C PRO A 388 -32.93 5.02 12.84
N SER A 389 -33.94 5.89 12.83
CA SER A 389 -33.88 7.27 13.37
C SER A 389 -34.36 7.20 14.82
N LEU A 390 -33.50 7.54 15.78
CA LEU A 390 -33.81 7.41 17.23
C LEU A 390 -34.75 8.54 17.64
N ASN A 391 -35.35 8.44 18.82
CA ASN A 391 -36.15 9.49 19.49
C ASN A 391 -37.53 9.62 18.84
N PHE A 392 -37.98 8.62 18.09
CA PHE A 392 -39.35 8.59 17.49
C PHE A 392 -40.21 7.52 18.18
N SER A 393 -41.32 7.94 18.79
CA SER A 393 -42.33 7.08 19.46
C SER A 393 -43.73 7.41 18.91
N THR A 394 -44.21 8.64 19.16
CA THR A 394 -45.51 9.16 18.66
C THR A 394 -45.23 10.27 17.66
N PRO A 395 -45.94 10.34 16.50
CA PRO A 395 -45.66 11.34 15.47
C PRO A 395 -46.16 12.74 15.85
N ASN A 396 -45.46 13.77 15.36
CA ASN A 396 -45.81 15.20 15.54
C ASN A 396 -47.25 15.44 15.07
N PRO A 397 -48.14 16.03 15.91
CA PRO A 397 -49.51 16.34 15.50
C PRO A 397 -49.66 17.49 14.48
N ASP A 398 -48.54 18.04 13.97
CA ASP A 398 -48.51 19.05 12.86
C ASP A 398 -47.87 18.39 11.62
N ILE A 399 -47.67 17.07 11.65
CA ILE A 399 -47.03 16.26 10.56
C ILE A 399 -47.85 15.00 10.38
N PRO A 400 -48.91 15.02 9.54
CA PRO A 400 -49.61 13.80 9.15
C PRO A 400 -48.70 12.95 8.24
N LEU A 401 -48.07 11.93 8.81
CA LEU A 401 -47.10 11.06 8.09
C LEU A 401 -47.82 10.23 7.02
N ASP A 402 -49.04 9.79 7.32
CA ASP A 402 -49.96 9.01 6.44
C ASP A 402 -50.32 9.86 5.22
N ALA A 403 -50.88 11.06 5.44
CA ALA A 403 -51.34 12.03 4.42
C ALA A 403 -50.15 12.48 3.54
N LEU A 404 -49.07 12.97 4.15
CA LEU A 404 -47.86 13.46 3.43
C LEU A 404 -47.18 12.28 2.74
N ASN A 405 -47.38 11.06 3.26
CA ASN A 405 -46.87 9.78 2.70
C ASN A 405 -45.36 9.68 2.96
N LEU A 406 -44.96 9.91 4.22
CA LEU A 406 -43.59 9.67 4.74
C LEU A 406 -43.69 8.80 6.00
N ARG A 407 -42.87 7.74 6.11
CA ARG A 407 -42.75 6.91 7.35
C ARG A 407 -41.32 7.08 7.87
N VAL A 408 -41.19 7.26 9.18
CA VAL A 408 -39.89 7.44 9.88
C VAL A 408 -39.30 6.05 10.10
N GLN A 409 -38.11 5.79 9.55
CA GLN A 409 -37.36 4.53 9.77
C GLN A 409 -37.10 4.38 11.28
N GLN A 410 -37.62 3.30 11.88
CA GLN A 410 -37.56 3.06 13.36
C GLN A 410 -36.76 1.80 13.68
N GLU A 411 -36.35 1.02 12.68
CA GLU A 411 -35.60 -0.24 12.91
C GLU A 411 -34.52 -0.38 11.84
N SER A 412 -33.51 -1.21 12.09
CA SER A 412 -32.54 -1.67 11.07
C SER A 412 -33.19 -2.80 10.27
N ALA A 413 -33.40 -2.59 8.96
CA ALA A 413 -34.00 -3.56 8.03
C ALA A 413 -33.08 -3.71 6.82
N PRO A 414 -33.44 -4.54 5.82
CA PRO A 414 -32.80 -4.48 4.50
C PRO A 414 -33.51 -3.41 3.67
N TRP A 415 -32.91 -3.01 2.54
CA TRP A 415 -33.42 -1.94 1.65
C TRP A 415 -33.99 -2.55 0.36
N ALA A 416 -35.30 -2.43 0.14
CA ALA A 416 -36.04 -3.03 -1.00
C ALA A 416 -35.98 -2.10 -2.22
N THR A 417 -36.55 -2.54 -3.36
CA THR A 417 -36.66 -1.78 -4.64
C THR A 417 -38.06 -1.98 -5.23
N THR A 424 -31.32 1.19 -9.47
CA THR A 424 -30.66 0.68 -8.23
C THR A 424 -31.13 1.52 -7.04
N LEU A 425 -30.44 1.40 -5.90
CA LEU A 425 -30.77 2.14 -4.65
C LEU A 425 -30.38 3.62 -4.77
N VAL A 426 -31.29 4.49 -4.36
CA VAL A 426 -31.17 5.99 -4.48
C VAL A 426 -31.64 6.63 -3.17
N ALA A 427 -30.81 7.53 -2.63
CA ALA A 427 -31.08 8.31 -1.39
C ALA A 427 -30.97 9.82 -1.67
N GLY A 428 -31.73 10.60 -0.90
CA GLY A 428 -31.68 12.07 -0.90
C GLY A 428 -31.21 12.63 0.44
N VAL A 429 -30.35 13.65 0.42
CA VAL A 429 -29.82 14.33 1.64
C VAL A 429 -30.23 15.80 1.61
N SER A 430 -30.89 16.27 2.68
CA SER A 430 -31.25 17.69 2.93
C SER A 430 -30.27 18.29 3.95
N SER A 431 -29.96 19.58 3.81
CA SER A 431 -29.21 20.40 4.80
C SER A 431 -29.60 21.87 4.65
N PHE A 432 -30.16 22.49 5.69
CA PHE A 432 -30.66 23.88 5.68
C PHE A 432 -29.89 24.73 6.70
N GLY A 433 -29.58 25.97 6.31
CA GLY A 433 -28.99 26.99 7.20
C GLY A 433 -30.05 27.94 7.73
N MET A 434 -29.84 28.51 8.92
CA MET A 434 -30.77 29.46 9.58
C MET A 434 -30.96 30.70 8.70
N GLY A 435 -29.94 31.12 7.96
CA GLY A 435 -30.02 32.30 7.07
C GLY A 435 -30.70 31.98 5.76
N GLY A 436 -31.28 30.79 5.62
CA GLY A 436 -32.21 30.44 4.52
C GLY A 436 -31.62 29.56 3.42
N THR A 437 -30.30 29.41 3.32
CA THR A 437 -29.62 28.73 2.18
C THR A 437 -29.74 27.21 2.35
N ASN A 438 -30.64 26.62 1.55
CA ASN A 438 -30.96 25.16 1.56
C ASN A 438 -30.07 24.47 0.51
N CYS A 439 -29.70 23.23 0.76
CA CYS A 439 -28.98 22.36 -0.21
C CYS A 439 -29.54 20.92 -0.12
N HIS A 440 -29.70 20.27 -1.27
CA HIS A 440 -30.12 18.85 -1.38
C HIS A 440 -29.18 18.15 -2.35
N VAL A 441 -28.87 16.88 -2.09
CA VAL A 441 -27.99 16.03 -2.93
C VAL A 441 -28.74 14.72 -3.22
N VAL A 442 -28.65 14.20 -4.44
CA VAL A 442 -29.26 12.91 -4.83
C VAL A 442 -28.15 11.91 -5.12
N VAL A 443 -28.07 10.86 -4.28
CA VAL A 443 -26.97 9.86 -4.29
C VAL A 443 -27.58 8.50 -4.65
N SER A 444 -26.87 7.73 -5.46
CA SER A 444 -27.27 6.37 -5.90
C SER A 444 -26.16 5.38 -5.55
N ALA A 445 -26.52 4.12 -5.32
CA ALA A 445 -25.55 3.03 -5.09
C ALA A 445 -24.63 2.91 -6.31
N ALA A 446 -23.47 2.25 -6.17
CA ALA A 446 -22.49 1.99 -7.25
C ALA A 446 -23.18 1.35 -8.46
N PRO A 447 -22.59 1.42 -9.68
CA PRO A 447 -23.25 0.93 -10.90
C PRO A 447 -23.88 -0.47 -10.78
N ALA A 468 1.20 -18.85 -3.36
CA ALA A 468 1.07 -19.74 -2.17
C ALA A 468 1.41 -18.98 -0.89
N LEU A 469 2.58 -18.32 -0.89
CA LEU A 469 3.08 -17.47 0.22
C LEU A 469 2.82 -16.00 -0.17
N LEU A 470 2.08 -15.29 0.69
CA LEU A 470 1.68 -13.88 0.47
C LEU A 470 2.55 -12.97 1.34
N PRO A 471 3.05 -11.86 0.79
CA PRO A 471 3.57 -10.76 1.61
C PRO A 471 2.47 -9.74 1.94
N TRP A 472 2.46 -9.25 3.18
CA TRP A 472 1.79 -7.98 3.57
C TRP A 472 2.86 -6.92 3.87
N VAL A 473 2.92 -5.85 3.07
CA VAL A 473 3.85 -4.70 3.27
C VAL A 473 3.14 -3.63 4.12
N VAL A 474 3.85 -3.18 5.16
CA VAL A 474 3.39 -2.12 6.09
C VAL A 474 4.54 -1.13 6.26
N SER A 475 4.26 0.18 6.21
CA SER A 475 5.27 1.24 6.45
C SER A 475 4.66 2.39 7.26
N ALA A 476 5.53 3.22 7.85
CA ALA A 476 5.15 4.35 8.72
C ALA A 476 6.28 5.38 8.71
N ARG A 477 6.08 6.56 9.32
CA ARG A 477 7.09 7.64 9.33
C ARG A 477 7.93 7.51 10.59
N SER A 478 7.71 6.44 11.36
CA SER A 478 8.29 6.23 12.70
C SER A 478 8.24 4.75 13.07
N PRO A 479 9.33 4.18 13.65
CA PRO A 479 9.26 2.85 14.24
C PRO A 479 8.00 2.65 15.09
N GLN A 480 7.69 3.61 15.96
CA GLN A 480 6.49 3.56 16.86
C GLN A 480 5.22 3.60 16.00
N ALA A 481 5.19 4.38 14.94
CA ALA A 481 4.04 4.36 13.99
C ALA A 481 3.95 2.98 13.31
N LEU A 482 5.08 2.40 12.89
CA LEU A 482 5.15 1.11 12.15
C LEU A 482 4.57 -0.01 13.01
N ARG A 483 5.05 -0.10 14.26
CA ARG A 483 4.48 -0.99 15.31
C ARG A 483 2.96 -0.81 15.36
N ASP A 484 2.51 0.44 15.58
CA ASP A 484 1.08 0.79 15.76
C ASP A 484 0.32 0.45 14.49
N GLN A 485 0.96 0.67 13.34
CA GLN A 485 0.39 0.42 11.98
C GLN A 485 0.21 -1.09 11.85
N ALA A 486 1.25 -1.86 12.19
CA ALA A 486 1.24 -3.33 12.12
C ALA A 486 0.07 -3.87 12.95
N GLY A 487 -0.04 -3.45 14.22
CA GLY A 487 -1.07 -3.95 15.15
C GLY A 487 -2.47 -3.61 14.67
N ARG A 488 -2.68 -2.42 14.12
CA ARG A 488 -4.01 -1.92 13.69
C ARG A 488 -4.52 -2.76 12.50
N LEU A 489 -3.59 -3.24 11.68
CA LEU A 489 -3.88 -4.13 10.52
C LEU A 489 -4.19 -5.54 11.03
N ALA A 490 -3.47 -6.01 12.04
CA ALA A 490 -3.70 -7.35 12.65
C ALA A 490 -5.14 -7.42 13.18
N ALA A 491 -5.53 -6.43 13.98
CA ALA A 491 -6.87 -6.35 14.61
C ALA A 491 -7.93 -6.38 13.50
N TRP A 492 -7.80 -5.50 12.52
CA TRP A 492 -8.74 -5.39 11.38
C TRP A 492 -8.77 -6.69 10.55
N ALA A 493 -7.61 -7.20 10.13
CA ALA A 493 -7.46 -8.45 9.34
C ALA A 493 -8.23 -9.60 10.02
N ASP A 494 -8.09 -9.71 11.33
CA ASP A 494 -8.63 -10.83 12.15
C ASP A 494 -10.05 -10.52 12.63
N SER A 495 -10.63 -9.38 12.24
CA SER A 495 -12.00 -8.94 12.62
C SER A 495 -12.99 -9.35 11.52
N PRO A 496 -14.31 -9.45 11.83
CA PRO A 496 -15.32 -9.75 10.82
C PRO A 496 -15.19 -8.96 9.50
N ALA A 497 -15.01 -7.63 9.60
CA ALA A 497 -14.99 -6.71 8.44
C ALA A 497 -13.78 -6.98 7.54
N GLY A 498 -12.63 -7.34 8.11
CA GLY A 498 -11.41 -7.76 7.39
C GLY A 498 -11.50 -9.16 6.78
N ARG A 499 -12.49 -9.96 7.21
CA ARG A 499 -12.68 -11.37 6.76
C ARG A 499 -13.56 -11.43 5.50
N GLU A 500 -14.23 -10.34 5.14
CA GLU A 500 -14.90 -10.19 3.81
C GLU A 500 -13.85 -9.91 2.73
N ALA A 501 -12.57 -9.76 3.11
CA ALA A 501 -11.42 -9.54 2.20
C ALA A 501 -10.46 -10.72 2.32
N SER A 502 -10.06 -11.30 1.19
CA SER A 502 -9.07 -12.40 1.13
C SER A 502 -7.69 -11.88 1.48
N PRO A 503 -6.83 -12.71 2.12
CA PRO A 503 -5.40 -12.39 2.24
C PRO A 503 -4.76 -11.88 0.94
N VAL A 504 -5.11 -12.49 -0.19
CA VAL A 504 -4.66 -12.05 -1.54
C VAL A 504 -4.99 -10.56 -1.71
N ASP A 505 -6.30 -10.25 -1.72
CA ASP A 505 -6.88 -8.90 -1.93
C ASP A 505 -6.19 -7.89 -1.01
N ILE A 506 -6.04 -8.25 0.27
CA ILE A 506 -5.40 -7.39 1.29
C ILE A 506 -4.00 -7.02 0.79
N GLY A 507 -3.13 -8.01 0.61
CA GLY A 507 -1.71 -7.80 0.21
C GLY A 507 -1.59 -6.95 -1.04
N TRP A 508 -2.46 -7.17 -2.02
CA TRP A 508 -2.46 -6.41 -3.29
C TRP A 508 -2.78 -4.95 -2.98
N SER A 509 -3.73 -4.74 -2.06
CA SER A 509 -4.18 -3.41 -1.60
C SER A 509 -3.04 -2.73 -0.83
N LEU A 510 -2.41 -3.46 0.09
CA LEU A 510 -1.21 -2.99 0.82
C LEU A 510 -0.10 -2.59 -0.16
N ALA A 511 0.03 -3.28 -1.29
CA ALA A 511 1.15 -3.15 -2.24
C ALA A 511 0.97 -1.95 -3.20
N THR A 512 -0.28 -1.62 -3.55
CA THR A 512 -0.64 -0.67 -4.63
C THR A 512 -1.22 0.63 -4.08
N SER A 513 -2.02 0.58 -3.01
CA SER A 513 -2.91 1.68 -2.56
C SER A 513 -2.42 2.35 -1.26
N ARG A 514 -1.13 2.25 -0.92
CA ARG A 514 -0.61 2.75 0.39
C ARG A 514 0.82 3.28 0.24
N THR A 515 1.02 4.55 0.53
CA THR A 515 2.32 5.23 0.60
C THR A 515 3.35 4.25 1.18
N HIS A 516 4.53 4.11 0.55
CA HIS A 516 5.69 3.37 1.11
C HIS A 516 6.52 4.35 1.92
N PHE A 517 6.16 4.61 3.19
CA PHE A 517 6.83 5.54 4.12
C PHE A 517 8.24 5.02 4.43
N GLU A 518 9.01 5.77 5.21
CA GLU A 518 10.48 5.61 5.32
C GLU A 518 10.82 4.42 6.22
N TYR A 519 9.89 3.91 7.03
CA TYR A 519 10.12 2.74 7.91
C TYR A 519 9.14 1.65 7.46
N ARG A 520 9.68 0.56 6.94
CA ARG A 520 8.91 -0.48 6.20
C ARG A 520 9.27 -1.87 6.73
N ALA A 521 8.27 -2.74 6.79
CA ALA A 521 8.41 -4.17 7.08
C ALA A 521 7.61 -4.94 6.03
N VAL A 522 7.94 -6.22 5.86
CA VAL A 522 7.13 -7.18 5.07
C VAL A 522 6.89 -8.36 6.00
N VAL A 523 5.65 -8.74 6.22
CA VAL A 523 5.31 -10.03 6.88
C VAL A 523 4.84 -10.97 5.78
N SER A 524 5.03 -12.26 5.99
CA SER A 524 4.66 -13.34 5.04
C SER A 524 3.87 -14.41 5.78
N GLY A 525 3.06 -15.16 5.03
CA GLY A 525 2.31 -16.31 5.56
C GLY A 525 1.50 -16.96 4.46
N SER A 526 1.02 -18.18 4.71
CA SER A 526 0.25 -19.03 3.77
C SER A 526 -1.25 -18.91 4.06
N ASP A 527 -1.62 -18.51 5.27
CA ASP A 527 -3.04 -18.20 5.63
C ASP A 527 -3.09 -16.93 6.50
N ARG A 528 -4.31 -16.39 6.70
CA ARG A 528 -4.60 -15.14 7.46
C ARG A 528 -4.01 -15.24 8.87
N ASP A 529 -4.25 -16.36 9.56
CA ASP A 529 -3.73 -16.67 10.91
C ASP A 529 -2.21 -16.46 10.99
N GLU A 530 -1.47 -16.90 9.96
CA GLU A 530 0.02 -16.84 9.89
C GLU A 530 0.47 -15.38 9.72
N LEU A 531 -0.24 -14.59 8.90
CA LEU A 531 0.10 -13.18 8.63
C LEU A 531 -0.21 -12.34 9.86
N VAL A 532 -1.41 -12.50 10.42
CA VAL A 532 -1.84 -11.77 11.65
C VAL A 532 -0.86 -12.07 12.78
N ALA A 533 -0.38 -13.32 12.87
CA ALA A 533 0.63 -13.74 13.87
C ALA A 533 1.94 -12.97 13.62
N SER A 534 2.40 -12.89 12.37
CA SER A 534 3.63 -12.16 11.96
C SER A 534 3.54 -10.65 12.30
N LEU A 535 2.35 -10.04 12.10
CA LEU A 535 2.09 -8.61 12.43
C LEU A 535 2.28 -8.39 13.94
N ARG A 536 1.60 -9.19 14.77
CA ARG A 536 1.65 -9.06 16.26
C ARG A 536 3.11 -9.15 16.72
N ALA A 537 3.89 -10.03 16.07
CA ALA A 537 5.34 -10.22 16.34
C ALA A 537 6.11 -8.96 15.96
N LEU A 538 5.74 -8.30 14.86
CA LEU A 538 6.41 -7.07 14.36
C LEU A 538 6.17 -5.91 15.33
N ALA A 539 5.05 -5.92 16.04
CA ALA A 539 4.63 -4.89 17.01
C ALA A 539 5.34 -5.08 18.37
N SER A 540 6.15 -6.14 18.52
CA SER A 540 6.92 -6.42 19.77
C SER A 540 8.33 -5.84 19.66
N GLY A 553 21.26 3.74 -0.88
CA GLY A 553 21.71 2.35 -0.70
C GLY A 553 22.91 2.01 -1.59
N GLY A 554 22.74 2.11 -2.92
CA GLY A 554 23.81 2.01 -3.93
C GLY A 554 23.28 1.58 -5.28
N ARG A 555 24.12 0.95 -6.10
CA ARG A 555 23.68 0.16 -7.26
C ARG A 555 23.41 -1.28 -6.78
N LEU A 556 22.50 -1.99 -7.43
CA LEU A 556 22.18 -3.40 -7.07
C LEU A 556 23.09 -4.33 -7.89
N GLY A 557 23.94 -5.08 -7.20
CA GLY A 557 24.87 -6.06 -7.79
C GLY A 557 24.30 -7.45 -7.62
N LEU A 558 24.37 -8.27 -8.67
CA LEU A 558 24.05 -9.72 -8.60
C LEU A 558 25.37 -10.47 -8.70
N VAL A 559 25.58 -11.43 -7.80
CA VAL A 559 26.67 -12.44 -7.91
C VAL A 559 26.02 -13.80 -8.04
N PHE A 560 26.25 -14.46 -9.19
CA PHE A 560 25.72 -15.79 -9.58
C PHE A 560 26.60 -16.89 -9.02
N SER A 561 26.00 -17.78 -8.21
CA SER A 561 26.67 -18.90 -7.48
C SER A 561 27.41 -19.84 -8.44
N GLY A 562 28.49 -20.48 -7.97
CA GLY A 562 29.24 -21.49 -8.70
C GLY A 562 29.06 -22.89 -8.12
N GLN A 563 29.92 -23.82 -8.56
CA GLN A 563 29.95 -25.24 -8.13
C GLN A 563 30.34 -25.27 -6.64
N GLY A 564 29.60 -26.02 -5.83
CA GLY A 564 29.68 -25.99 -4.37
C GLY A 564 28.34 -25.56 -3.79
N SER A 565 27.64 -24.67 -4.50
CA SER A 565 26.37 -24.05 -4.04
C SER A 565 25.17 -24.95 -4.34
N GLN A 566 25.37 -26.02 -5.11
CA GLN A 566 24.25 -26.90 -5.58
C GLN A 566 23.80 -27.77 -4.41
N ARG A 567 22.51 -28.12 -4.36
CA ARG A 567 21.90 -29.03 -3.36
C ARG A 567 20.69 -29.72 -4.00
N ALA A 568 20.49 -31.01 -3.73
CA ALA A 568 19.40 -31.84 -4.28
C ALA A 568 18.05 -31.25 -3.84
N GLY A 569 17.15 -31.02 -4.80
CA GLY A 569 15.86 -30.33 -4.57
C GLY A 569 15.81 -29.00 -5.31
N MET A 570 16.95 -28.28 -5.32
CA MET A 570 17.22 -27.07 -6.13
C MET A 570 16.03 -26.67 -7.00
N GLY A 571 15.17 -25.76 -6.50
CA GLY A 571 14.19 -25.05 -7.34
C GLY A 571 12.82 -25.71 -7.38
N ARG A 572 12.61 -26.83 -6.69
CA ARG A 572 11.30 -27.56 -6.65
C ARG A 572 10.24 -26.69 -5.97
N GLU A 573 10.61 -26.11 -4.82
CA GLU A 573 9.70 -25.34 -3.94
C GLU A 573 9.37 -24.01 -4.64
N LEU A 574 10.33 -23.44 -5.39
CA LEU A 574 10.15 -22.20 -6.20
C LEU A 574 9.26 -22.48 -7.41
N TYR A 575 9.38 -23.67 -8.00
CA TYR A 575 8.59 -24.11 -9.18
C TYR A 575 7.11 -24.16 -8.81
N VAL A 576 6.76 -24.85 -7.71
CA VAL A 576 5.34 -25.03 -7.28
C VAL A 576 4.76 -23.66 -6.94
N ALA A 577 5.53 -22.81 -6.27
CA ALA A 577 5.14 -21.45 -5.79
C ALA A 577 4.87 -20.49 -6.95
N PHE A 578 5.90 -20.13 -7.74
CA PHE A 578 5.85 -18.98 -8.67
C PHE A 578 5.82 -19.45 -10.13
N PRO A 579 4.70 -19.23 -10.84
CA PRO A 579 4.62 -19.47 -12.29
C PRO A 579 5.74 -18.88 -13.16
N VAL A 580 6.23 -17.68 -12.84
CA VAL A 580 7.23 -16.94 -13.67
C VAL A 580 8.56 -17.71 -13.62
N PHE A 581 8.93 -18.25 -12.46
CA PHE A 581 10.10 -19.14 -12.29
C PHE A 581 9.89 -20.41 -13.10
N ALA A 582 8.77 -21.11 -12.83
CA ALA A 582 8.40 -22.42 -13.44
C ALA A 582 8.42 -22.33 -14.98
N GLU A 583 7.85 -21.27 -15.55
CA GLU A 583 7.78 -21.05 -17.01
C GLU A 583 9.19 -20.94 -17.58
N ALA A 584 10.02 -20.08 -16.98
CA ALA A 584 11.43 -19.82 -17.37
C ALA A 584 12.27 -21.09 -17.14
N PHE A 585 12.04 -21.80 -16.05
CA PHE A 585 12.73 -23.06 -15.72
C PHE A 585 12.41 -24.12 -16.80
N ASP A 586 11.16 -24.17 -17.25
CA ASP A 586 10.70 -25.12 -18.30
C ASP A 586 11.38 -24.76 -19.63
N GLU A 587 11.50 -23.46 -19.95
CA GLU A 587 12.09 -23.02 -21.23
C GLU A 587 13.59 -23.34 -21.26
N VAL A 588 14.28 -23.17 -20.13
CA VAL A 588 15.76 -23.36 -20.01
C VAL A 588 16.05 -24.85 -19.98
N CYS A 589 15.17 -25.67 -19.39
CA CYS A 589 15.32 -27.15 -19.31
C CYS A 589 14.99 -27.77 -20.68
N GLY A 590 13.90 -27.31 -21.31
CA GLY A 590 13.52 -27.69 -22.68
C GLY A 590 14.69 -27.61 -23.65
N VAL A 591 15.46 -26.52 -23.60
CA VAL A 591 16.65 -26.32 -24.47
C VAL A 591 17.74 -27.28 -24.01
N LEU A 592 18.00 -27.34 -22.69
CA LEU A 592 19.12 -28.11 -22.09
C LEU A 592 18.89 -29.62 -22.31
N ASP A 593 17.64 -30.08 -22.29
CA ASP A 593 17.28 -31.53 -22.40
C ASP A 593 17.56 -31.98 -23.83
N GLU A 594 17.39 -31.09 -24.81
CA GLU A 594 17.78 -31.29 -26.23
C GLU A 594 19.31 -31.34 -26.31
N VAL A 595 19.99 -30.26 -25.89
CA VAL A 595 21.48 -30.13 -25.96
C VAL A 595 22.13 -31.37 -25.29
N MET A 596 21.77 -31.66 -24.04
CA MET A 596 22.33 -32.79 -23.22
C MET A 596 21.83 -34.13 -23.78
N GLY A 597 20.55 -34.22 -24.21
CA GLY A 597 19.95 -35.42 -24.84
C GLY A 597 20.77 -35.88 -26.05
N ALA A 598 21.18 -34.95 -26.91
CA ALA A 598 22.09 -35.17 -28.07
C ALA A 598 23.44 -35.73 -27.57
N LEU A 599 24.20 -34.94 -26.81
CA LEU A 599 25.58 -35.27 -26.34
C LEU A 599 25.59 -35.43 -24.82
N PRO A 600 25.02 -36.53 -24.24
CA PRO A 600 24.88 -36.66 -22.80
C PRO A 600 26.21 -36.94 -22.08
N PRO A 601 26.33 -36.54 -20.79
CA PRO A 601 27.46 -36.96 -19.95
C PRO A 601 27.23 -38.38 -19.39
N GLY A 607 17.02 -38.60 -20.12
CA GLY A 607 17.52 -37.21 -20.25
C GLY A 607 16.44 -36.17 -19.95
N SER A 608 16.17 -35.90 -18.67
CA SER A 608 15.31 -34.79 -18.17
C SER A 608 15.95 -34.11 -16.94
N LEU A 609 16.41 -32.86 -17.09
CA LEU A 609 17.26 -32.14 -16.10
C LEU A 609 16.43 -31.71 -14.89
N ARG A 610 15.16 -31.32 -15.13
CA ARG A 610 14.16 -31.00 -14.07
C ARG A 610 14.08 -32.15 -13.06
N GLU A 611 13.88 -33.40 -13.53
CA GLU A 611 13.75 -34.62 -12.68
C GLU A 611 15.00 -34.82 -11.82
N VAL A 612 16.18 -34.64 -12.42
CA VAL A 612 17.50 -34.76 -11.71
C VAL A 612 17.51 -33.74 -10.57
N MET A 613 17.26 -32.47 -10.90
CA MET A 613 17.38 -31.31 -9.96
C MET A 613 16.37 -31.48 -8.81
N PHE A 614 15.12 -31.79 -9.11
CA PHE A 614 13.97 -31.72 -8.16
C PHE A 614 13.92 -32.94 -7.26
N GLU A 615 14.61 -34.04 -7.60
CA GLU A 615 14.63 -35.28 -6.78
C GLU A 615 15.64 -35.12 -5.64
N VAL A 616 15.21 -35.45 -4.41
CA VAL A 616 16.01 -35.35 -3.16
C VAL A 616 16.91 -36.59 -3.05
N SER A 617 16.39 -37.75 -3.40
CA SER A 617 17.14 -39.04 -3.51
C SER A 617 17.89 -39.08 -4.85
N SER A 618 18.96 -38.27 -4.98
CA SER A 618 19.85 -38.23 -6.17
C SER A 618 21.10 -37.40 -5.87
N ASP A 619 22.29 -37.95 -6.16
CA ASP A 619 23.60 -37.28 -6.00
C ASP A 619 24.19 -36.99 -7.39
N LEU A 620 23.40 -37.16 -8.45
CA LEU A 620 23.76 -36.86 -9.87
C LEU A 620 24.26 -35.42 -10.04
N LEU A 621 23.82 -34.47 -9.21
CA LEU A 621 24.13 -33.02 -9.34
C LEU A 621 25.58 -32.75 -8.92
N ASP A 622 26.19 -33.61 -8.10
CA ASP A 622 27.62 -33.48 -7.70
C ASP A 622 28.53 -33.82 -8.88
N GLU A 623 27.99 -34.43 -9.94
CA GLU A 623 28.69 -34.70 -11.23
C GLU A 623 28.51 -33.49 -12.16
N THR A 624 29.62 -32.86 -12.53
CA THR A 624 29.73 -31.50 -13.14
C THR A 624 29.02 -31.42 -14.50
N GLY A 625 28.84 -32.53 -15.21
CA GLY A 625 28.05 -32.56 -16.46
C GLY A 625 26.58 -32.27 -16.19
N PHE A 626 26.17 -32.38 -14.92
CA PHE A 626 24.81 -32.03 -14.44
C PHE A 626 24.86 -30.75 -13.60
N THR A 627 25.87 -30.62 -12.72
CA THR A 627 26.02 -29.46 -11.80
C THR A 627 25.95 -28.14 -12.61
N GLN A 628 26.69 -28.02 -13.71
CA GLN A 628 26.87 -26.74 -14.45
C GLN A 628 25.57 -26.33 -15.13
N PRO A 629 24.93 -27.17 -15.97
CA PRO A 629 23.61 -26.85 -16.50
C PRO A 629 22.54 -26.61 -15.41
N ALA A 630 22.62 -27.33 -14.29
CA ALA A 630 21.66 -27.25 -13.17
C ALA A 630 21.76 -25.86 -12.53
N LEU A 631 22.97 -25.42 -12.15
CA LEU A 631 23.22 -24.06 -11.56
C LEU A 631 22.70 -23.00 -12.54
N PHE A 632 23.00 -23.17 -13.84
CA PHE A 632 22.57 -22.23 -14.89
C PHE A 632 21.04 -22.17 -14.96
N ALA A 633 20.38 -23.32 -14.95
CA ALA A 633 18.91 -23.40 -15.08
C ALA A 633 18.25 -22.70 -13.88
N PHE A 634 18.65 -23.06 -12.66
CA PHE A 634 18.13 -22.49 -11.38
C PHE A 634 18.39 -20.98 -11.34
N GLU A 635 19.60 -20.55 -11.66
CA GLU A 635 20.03 -19.13 -11.61
C GLU A 635 19.21 -18.26 -12.59
N VAL A 636 18.86 -18.75 -13.78
CA VAL A 636 18.20 -17.94 -14.85
C VAL A 636 16.69 -17.83 -14.56
N ALA A 637 16.04 -18.93 -14.21
CA ALA A 637 14.70 -18.97 -13.61
C ALA A 637 14.62 -17.94 -12.47
N LEU A 638 15.51 -18.03 -11.48
CA LEU A 638 15.49 -17.11 -10.31
C LEU A 638 15.64 -15.67 -10.78
N TYR A 639 16.55 -15.42 -11.72
CA TYR A 639 16.79 -14.07 -12.26
C TYR A 639 15.51 -13.51 -12.90
N ARG A 640 14.77 -14.34 -13.63
CA ARG A 640 13.52 -13.92 -14.32
C ARG A 640 12.44 -13.64 -13.27
N LEU A 641 12.43 -14.40 -12.18
CA LEU A 641 11.47 -14.23 -11.07
C LEU A 641 11.77 -12.88 -10.39
N LEU A 642 13.04 -12.65 -10.02
CA LEU A 642 13.53 -11.38 -9.42
C LEU A 642 13.15 -10.20 -10.34
N GLU A 643 13.39 -10.33 -11.64
CA GLU A 643 13.22 -9.26 -12.66
C GLU A 643 11.73 -8.88 -12.73
N SER A 644 10.84 -9.86 -12.57
CA SER A 644 9.37 -9.71 -12.65
C SER A 644 8.85 -9.01 -11.39
N TRP A 645 9.65 -8.93 -10.33
CA TRP A 645 9.33 -8.21 -9.07
C TRP A 645 10.03 -6.85 -9.03
N GLY A 646 10.62 -6.41 -10.14
CA GLY A 646 11.36 -5.14 -10.24
C GLY A 646 12.71 -5.18 -9.56
N VAL A 647 13.23 -6.36 -9.20
CA VAL A 647 14.58 -6.51 -8.60
C VAL A 647 15.58 -6.71 -9.75
N ALA A 648 15.88 -5.60 -10.42
CA ALA A 648 16.72 -5.51 -11.63
C ALA A 648 18.18 -5.21 -11.24
N GLY A 649 19.08 -6.18 -11.41
CA GLY A 649 20.52 -5.94 -11.25
C GLY A 649 21.02 -4.91 -12.25
N GLU A 650 21.91 -4.01 -11.87
CA GLU A 650 22.61 -3.09 -12.79
C GLU A 650 24.01 -3.62 -13.12
N VAL A 651 24.62 -4.41 -12.22
CA VAL A 651 25.99 -4.95 -12.33
C VAL A 651 25.94 -6.43 -11.96
N VAL A 652 26.58 -7.32 -12.75
CA VAL A 652 26.54 -8.80 -12.53
C VAL A 652 27.96 -9.38 -12.57
N ALA A 653 28.20 -10.38 -11.72
CA ALA A 653 29.45 -11.16 -11.62
C ALA A 653 29.06 -12.61 -11.34
N GLY A 654 29.94 -13.55 -11.67
CA GLY A 654 29.69 -14.98 -11.46
C GLY A 654 30.95 -15.69 -10.99
N HIS A 655 30.81 -16.57 -10.00
CA HIS A 655 31.86 -17.54 -9.61
C HIS A 655 31.84 -18.69 -10.64
N SER A 656 32.89 -18.77 -11.46
CA SER A 656 33.11 -19.86 -12.45
C SER A 656 31.88 -19.97 -13.35
N VAL A 657 31.02 -20.98 -13.15
CA VAL A 657 29.85 -21.27 -14.02
C VAL A 657 28.77 -20.21 -13.78
N GLY A 658 28.82 -19.56 -12.61
CA GLY A 658 28.02 -18.37 -12.32
C GLY A 658 28.05 -17.39 -13.48
N GLU A 659 29.22 -17.17 -14.09
CA GLU A 659 29.43 -16.13 -15.12
C GLU A 659 28.59 -16.39 -16.37
N ILE A 660 28.29 -17.66 -16.67
CA ILE A 660 27.47 -18.05 -17.87
C ILE A 660 26.03 -17.55 -17.64
N ALA A 661 25.45 -17.83 -16.49
CA ALA A 661 24.12 -17.29 -16.12
C ALA A 661 24.18 -15.75 -16.19
N ALA A 662 25.17 -15.13 -15.54
CA ALA A 662 25.31 -13.65 -15.45
C ALA A 662 25.40 -13.06 -16.87
N VAL A 663 26.31 -13.59 -17.67
CA VAL A 663 26.60 -13.10 -19.04
C VAL A 663 25.35 -13.26 -19.93
N HIS A 664 24.60 -14.35 -19.78
CA HIS A 664 23.38 -14.65 -20.58
C HIS A 664 22.26 -13.64 -20.28
N VAL A 665 22.02 -13.36 -19.01
CA VAL A 665 20.91 -12.46 -18.56
C VAL A 665 21.31 -11.01 -18.85
N ALA A 666 22.61 -10.71 -18.93
CA ALA A 666 23.14 -9.43 -19.47
C ALA A 666 22.99 -9.41 -21.00
N GLY A 667 22.47 -10.48 -21.59
CA GLY A 667 22.09 -10.56 -23.02
C GLY A 667 23.27 -10.87 -23.93
N VAL A 668 24.40 -11.28 -23.38
CA VAL A 668 25.65 -11.53 -24.18
C VAL A 668 25.43 -12.76 -25.07
N LEU A 669 24.86 -13.84 -24.52
CA LEU A 669 24.50 -15.08 -25.25
C LEU A 669 22.99 -15.25 -25.21
N SER A 670 22.40 -15.62 -26.35
CA SER A 670 21.03 -16.18 -26.47
C SER A 670 20.91 -17.42 -25.57
N LEU A 671 19.69 -17.83 -25.24
CA LEU A 671 19.43 -19.04 -24.40
C LEU A 671 20.06 -20.27 -25.08
N ALA A 672 19.90 -20.39 -26.40
CA ALA A 672 20.49 -21.47 -27.23
C ALA A 672 22.00 -21.55 -26.99
N ASP A 673 22.72 -20.46 -27.24
CA ASP A 673 24.20 -20.44 -27.13
C ASP A 673 24.60 -20.67 -25.66
N ALA A 674 23.89 -20.07 -24.70
CA ALA A 674 24.20 -20.20 -23.26
C ALA A 674 24.11 -21.68 -22.86
N CYS A 675 23.04 -22.35 -23.28
CA CYS A 675 22.78 -23.80 -22.99
C CYS A 675 23.86 -24.65 -23.67
N ALA A 676 24.23 -24.31 -24.91
CA ALA A 676 25.30 -25.00 -25.69
C ALA A 676 26.64 -24.88 -24.93
N LEU A 677 26.93 -23.65 -24.48
CA LEU A 677 28.17 -23.28 -23.75
C LEU A 677 28.26 -24.05 -22.43
N VAL A 678 27.25 -23.94 -21.55
CA VAL A 678 27.29 -24.51 -20.17
C VAL A 678 27.30 -26.04 -20.24
N ALA A 679 26.47 -26.64 -21.10
CA ALA A 679 26.30 -28.11 -21.20
C ALA A 679 27.62 -28.75 -21.66
N ALA A 680 28.22 -28.18 -22.72
CA ALA A 680 29.56 -28.51 -23.24
C ALA A 680 30.59 -28.45 -22.10
N ARG A 681 30.79 -27.27 -21.52
CA ARG A 681 31.64 -27.06 -20.32
C ARG A 681 31.42 -28.21 -19.32
N GLY A 682 30.18 -28.43 -18.89
CA GLY A 682 29.77 -29.55 -18.02
C GLY A 682 30.34 -30.87 -18.50
N ARG A 683 30.06 -31.22 -19.77
CA ARG A 683 30.42 -32.52 -20.41
C ARG A 683 31.94 -32.67 -20.56
N LEU A 684 32.58 -31.76 -21.30
CA LEU A 684 34.05 -31.77 -21.57
C LEU A 684 34.85 -31.85 -20.27
N MET A 685 34.35 -31.32 -19.16
CA MET A 685 35.03 -31.43 -17.84
C MET A 685 34.68 -32.78 -17.20
N GLN A 686 33.44 -33.23 -17.38
CA GLN A 686 32.88 -34.45 -16.75
C GLN A 686 33.69 -35.67 -17.24
N GLY A 687 34.13 -35.65 -18.50
CA GLY A 687 34.80 -36.76 -19.18
C GLY A 687 36.30 -36.84 -18.86
N LEU A 688 36.82 -35.92 -18.05
CA LEU A 688 38.23 -35.96 -17.57
C LEU A 688 38.36 -37.02 -16.49
N PRO A 689 39.58 -37.56 -16.25
CA PRO A 689 39.77 -38.66 -15.29
C PRO A 689 39.65 -38.19 -13.83
N SER A 690 39.65 -39.16 -12.91
CA SER A 690 39.81 -38.95 -11.45
C SER A 690 41.22 -38.45 -11.16
N GLY A 691 41.55 -38.24 -9.89
CA GLY A 691 42.85 -37.74 -9.44
C GLY A 691 42.82 -36.23 -9.27
N GLY A 692 41.63 -35.63 -9.44
CA GLY A 692 41.37 -34.20 -9.21
C GLY A 692 40.88 -33.95 -7.80
N ALA A 693 41.31 -32.85 -7.19
CA ALA A 693 40.86 -32.39 -5.86
C ALA A 693 40.95 -30.87 -5.75
N MET A 694 40.12 -30.28 -4.87
CA MET A 694 40.16 -28.86 -4.47
C MET A 694 40.01 -28.78 -2.95
N VAL A 695 40.72 -27.87 -2.30
CA VAL A 695 40.60 -27.65 -0.84
C VAL A 695 40.49 -26.14 -0.58
N ALA A 696 39.52 -25.74 0.26
CA ALA A 696 39.34 -24.36 0.77
C ALA A 696 40.37 -24.15 1.89
N VAL A 697 41.11 -23.05 1.83
CA VAL A 697 42.29 -22.81 2.71
C VAL A 697 42.19 -21.40 3.29
N GLU A 698 42.25 -21.29 4.61
CA GLU A 698 42.33 -20.01 5.36
C GLU A 698 43.75 -19.47 5.24
N ALA A 699 44.07 -18.78 4.14
CA ALA A 699 45.40 -18.20 3.87
C ALA A 699 45.26 -17.07 2.83
N SER A 700 46.23 -16.15 2.79
CA SER A 700 46.31 -15.09 1.76
C SER A 700 46.68 -15.70 0.40
N GLU A 701 46.41 -14.99 -0.68
CA GLU A 701 46.94 -15.29 -2.04
C GLU A 701 48.47 -15.35 -1.98
N GLU A 702 49.11 -14.40 -1.30
CA GLU A 702 50.60 -14.25 -1.28
C GLU A 702 51.23 -15.50 -0.63
N GLU A 703 50.61 -16.02 0.44
CA GLU A 703 51.05 -17.25 1.16
C GLU A 703 51.03 -18.45 0.21
N VAL A 704 49.90 -18.66 -0.47
CA VAL A 704 49.63 -19.84 -1.32
C VAL A 704 50.52 -19.77 -2.57
N THR A 705 50.77 -18.58 -3.11
CA THR A 705 51.67 -18.44 -4.29
C THR A 705 53.04 -18.99 -3.92
N ALA A 706 53.56 -18.61 -2.74
CA ALA A 706 54.87 -19.02 -2.18
C ALA A 706 54.93 -20.54 -1.99
N LEU A 707 53.83 -21.17 -1.56
CA LEU A 707 53.74 -22.63 -1.26
C LEU A 707 53.65 -23.45 -2.56
N LEU A 708 53.14 -22.88 -3.65
CA LEU A 708 52.86 -23.63 -4.91
C LEU A 708 53.86 -23.28 -6.02
N ALA A 709 54.65 -22.21 -5.87
CA ALA A 709 55.68 -21.80 -6.85
C ALA A 709 56.60 -22.98 -7.19
N GLY A 710 56.65 -23.37 -8.47
CA GLY A 710 57.46 -24.50 -8.97
C GLY A 710 56.60 -25.71 -9.28
N ARG A 711 55.35 -25.73 -8.81
CA ARG A 711 54.42 -26.88 -8.97
C ARG A 711 53.32 -26.55 -9.98
N GLU A 712 53.56 -25.54 -10.82
CA GLU A 712 52.60 -24.99 -11.82
C GLU A 712 51.94 -26.14 -12.58
N GLY A 713 52.70 -27.18 -12.92
CA GLY A 713 52.24 -28.30 -13.77
C GLY A 713 51.25 -29.23 -13.08
N GLU A 714 51.19 -29.29 -11.75
CA GLU A 714 50.37 -30.27 -10.97
C GLU A 714 49.28 -29.58 -10.15
N VAL A 715 49.39 -28.26 -9.90
CA VAL A 715 48.53 -27.54 -8.92
C VAL A 715 48.69 -26.02 -9.10
N GLY A 716 47.58 -25.30 -8.86
CA GLY A 716 47.56 -23.83 -8.84
C GLY A 716 46.50 -23.32 -7.89
N ILE A 717 46.25 -22.00 -7.92
CA ILE A 717 45.13 -21.37 -7.15
C ILE A 717 43.87 -21.52 -8.00
N GLY A 718 42.85 -22.20 -7.47
CA GLY A 718 41.54 -22.38 -8.12
C GLY A 718 40.65 -21.16 -7.93
N ALA A 719 40.74 -20.52 -6.75
CA ALA A 719 39.94 -19.33 -6.37
C ALA A 719 40.72 -18.46 -5.37
N VAL A 720 40.67 -17.14 -5.54
CA VAL A 720 40.93 -16.14 -4.45
C VAL A 720 39.58 -15.54 -4.10
N ASN A 721 38.97 -16.04 -3.01
CA ASN A 721 37.55 -15.82 -2.61
C ASN A 721 37.47 -14.69 -1.57
N GLY A 722 38.49 -14.55 -0.73
CA GLY A 722 38.64 -13.46 0.24
C GLY A 722 40.10 -13.09 0.44
N PRO A 723 40.44 -12.13 1.32
CA PRO A 723 41.82 -11.75 1.58
C PRO A 723 42.60 -12.84 2.36
N ARG A 724 41.88 -13.68 3.09
CA ARG A 724 42.43 -14.87 3.80
C ARG A 724 41.49 -16.06 3.50
N SER A 725 41.25 -16.27 2.22
CA SER A 725 40.29 -17.29 1.69
C SER A 725 40.68 -17.64 0.24
N VAL A 726 41.48 -18.69 0.02
CA VAL A 726 41.81 -19.17 -1.36
C VAL A 726 41.59 -20.67 -1.43
N VAL A 727 41.11 -21.14 -2.58
CA VAL A 727 40.95 -22.58 -2.92
C VAL A 727 42.14 -23.00 -3.79
N VAL A 728 42.85 -24.03 -3.35
CA VAL A 728 43.97 -24.67 -4.09
C VAL A 728 43.40 -25.89 -4.82
N SER A 729 43.79 -26.09 -6.08
CA SER A 729 43.22 -27.12 -6.97
C SER A 729 44.32 -27.82 -7.77
N GLY A 730 44.20 -29.13 -7.94
CA GLY A 730 45.10 -29.95 -8.79
C GLY A 730 45.12 -31.41 -8.33
N GLY A 731 46.20 -32.12 -8.66
CA GLY A 731 46.45 -33.49 -8.20
C GLY A 731 46.08 -33.67 -6.74
N VAL A 732 45.18 -34.62 -6.45
CA VAL A 732 44.67 -34.94 -5.08
C VAL A 732 45.84 -35.25 -4.12
N ALA A 733 46.99 -35.73 -4.63
CA ALA A 733 48.23 -35.97 -3.84
C ALA A 733 48.72 -34.65 -3.25
N VAL A 734 48.97 -33.66 -4.12
CA VAL A 734 49.60 -32.35 -3.76
C VAL A 734 48.57 -31.49 -3.01
N VAL A 735 47.28 -31.70 -3.26
CA VAL A 735 46.17 -30.97 -2.56
C VAL A 735 46.14 -31.42 -1.09
N GLU A 736 46.08 -32.73 -0.84
CA GLU A 736 46.12 -33.35 0.52
C GLU A 736 47.30 -32.79 1.32
N GLU A 737 48.48 -32.68 0.67
CA GLU A 737 49.71 -32.07 1.24
C GLU A 737 49.40 -30.64 1.69
N VAL A 738 48.87 -29.82 0.79
CA VAL A 738 48.54 -28.37 1.03
C VAL A 738 47.56 -28.28 2.20
N ALA A 739 46.51 -29.12 2.21
CA ALA A 739 45.48 -29.18 3.27
C ALA A 739 46.14 -29.53 4.62
N ALA A 740 47.11 -30.44 4.60
CA ALA A 740 47.87 -30.93 5.78
C ALA A 740 48.73 -29.78 6.32
N HIS A 741 49.41 -29.07 5.42
CA HIS A 741 50.33 -27.94 5.74
C HIS A 741 49.57 -26.84 6.50
N PHE A 742 48.43 -26.40 5.98
CA PHE A 742 47.68 -25.24 6.56
C PHE A 742 47.01 -25.68 7.88
N ALA A 743 46.48 -26.91 7.95
CA ALA A 743 45.98 -27.53 9.20
C ALA A 743 47.11 -27.55 10.24
N GLY A 744 48.34 -27.90 9.83
CA GLY A 744 49.53 -27.98 10.70
C GLY A 744 49.98 -26.61 11.17
N LEU A 745 49.54 -25.55 10.48
CA LEU A 745 49.78 -24.14 10.89
C LEU A 745 48.63 -23.64 11.76
N GLY A 746 47.69 -24.53 12.12
CA GLY A 746 46.45 -24.18 12.86
C GLY A 746 45.57 -23.23 12.07
N ARG A 747 45.28 -23.56 10.82
CA ARG A 747 44.36 -22.81 9.92
C ARG A 747 43.19 -23.73 9.56
N ARG A 748 42.06 -23.16 9.17
CA ARG A 748 40.92 -23.92 8.62
C ARG A 748 41.33 -24.41 7.22
N ALA A 749 40.95 -25.64 6.89
CA ALA A 749 41.19 -26.26 5.57
C ALA A 749 40.07 -27.30 5.34
N ARG A 750 39.09 -26.97 4.50
CA ARG A 750 37.94 -27.85 4.20
C ARG A 750 38.14 -28.45 2.82
N ARG A 751 38.17 -29.79 2.76
CA ARG A 751 38.15 -30.59 1.50
C ARG A 751 36.79 -30.35 0.82
N LEU A 752 36.79 -29.74 -0.37
CA LEU A 752 35.56 -29.49 -1.18
C LEU A 752 35.14 -30.80 -1.84
N LYS A 753 33.84 -31.11 -1.77
CA LYS A 753 33.24 -32.27 -2.48
C LYS A 753 33.05 -31.88 -3.96
N VAL A 754 33.98 -32.32 -4.81
CA VAL A 754 33.97 -32.10 -6.30
C VAL A 754 34.62 -33.30 -6.98
N SER A 755 34.18 -33.59 -8.21
CA SER A 755 34.69 -34.69 -9.06
C SER A 755 36.11 -34.34 -9.56
N HIS A 756 36.36 -33.07 -9.91
CA HIS A 756 37.58 -32.62 -10.64
C HIS A 756 38.26 -31.44 -9.95
N ALA A 757 39.49 -31.16 -10.38
CA ALA A 757 40.32 -29.99 -10.00
C ALA A 757 40.07 -28.86 -10.99
N PHE A 758 38.93 -28.18 -10.83
CA PHE A 758 38.50 -27.01 -11.66
C PHE A 758 39.55 -25.89 -11.49
N HIS A 759 39.79 -25.14 -12.56
CA HIS A 759 40.74 -24.00 -12.59
C HIS A 759 42.14 -24.44 -12.15
N SER A 760 42.60 -25.59 -12.65
CA SER A 760 43.94 -26.18 -12.43
C SER A 760 44.48 -26.69 -13.76
N PRO A 761 45.77 -27.11 -13.85
CA PRO A 761 46.29 -27.75 -15.07
C PRO A 761 45.58 -29.04 -15.52
N LEU A 762 44.79 -29.67 -14.63
CA LEU A 762 44.00 -30.89 -14.94
C LEU A 762 42.88 -30.58 -15.95
N MET A 763 42.58 -29.30 -16.20
CA MET A 763 41.54 -28.82 -17.15
C MET A 763 42.13 -28.65 -18.56
N ASP A 764 43.46 -28.63 -18.67
CA ASP A 764 44.20 -28.42 -19.95
C ASP A 764 43.72 -29.38 -21.02
N PRO A 765 43.39 -30.66 -20.73
CA PRO A 765 42.94 -31.58 -21.77
C PRO A 765 41.67 -31.14 -22.52
N MET A 766 40.66 -30.60 -21.81
CA MET A 766 39.32 -30.26 -22.38
C MET A 766 39.30 -28.87 -23.05
N LEU A 767 40.29 -28.01 -22.75
CA LEU A 767 40.34 -26.58 -23.18
C LEU A 767 40.11 -26.43 -24.68
N GLU A 768 40.90 -27.09 -25.51
CA GLU A 768 40.89 -26.89 -26.99
C GLU A 768 39.52 -27.28 -27.55
N ASP A 769 38.90 -28.35 -27.05
CA ASP A 769 37.52 -28.79 -27.39
C ASP A 769 36.51 -27.73 -26.93
N PHE A 770 36.69 -27.18 -25.72
CA PHE A 770 35.87 -26.07 -25.19
C PHE A 770 35.97 -24.86 -26.14
N GLY A 771 37.18 -24.46 -26.53
CA GLY A 771 37.45 -23.33 -27.44
C GLY A 771 36.67 -23.43 -28.75
N ARG A 772 36.46 -24.65 -29.25
CA ARG A 772 35.75 -24.92 -30.54
C ARG A 772 34.25 -24.70 -30.37
N VAL A 773 33.67 -25.05 -29.21
CA VAL A 773 32.22 -24.83 -28.93
C VAL A 773 31.96 -23.31 -28.82
N VAL A 774 32.85 -22.54 -28.20
CA VAL A 774 32.60 -21.08 -27.97
C VAL A 774 32.80 -20.33 -29.30
N ALA A 775 33.72 -20.78 -30.14
CA ALA A 775 34.03 -20.21 -31.47
C ALA A 775 32.82 -20.36 -32.42
N GLY A 776 31.88 -21.24 -32.08
CA GLY A 776 30.62 -21.43 -32.85
C GLY A 776 29.48 -20.58 -32.32
N LEU A 777 29.68 -19.90 -31.19
CA LEU A 777 28.63 -19.10 -30.51
C LEU A 777 28.70 -17.63 -30.95
N SER A 778 27.60 -16.90 -30.75
CA SER A 778 27.40 -15.47 -31.08
C SER A 778 27.35 -14.65 -29.80
N PHE A 779 28.35 -13.78 -29.61
CA PHE A 779 28.51 -12.91 -28.42
C PHE A 779 28.08 -11.48 -28.79
N ALA A 780 27.03 -10.98 -28.15
CA ALA A 780 26.55 -9.57 -28.24
C ALA A 780 27.13 -8.75 -27.08
N VAL A 781 27.11 -7.42 -27.24
CA VAL A 781 27.46 -6.43 -26.17
C VAL A 781 26.48 -6.63 -25.02
N PRO A 782 26.93 -6.61 -23.74
CA PRO A 782 26.02 -6.74 -22.61
C PRO A 782 25.09 -5.54 -22.38
N GLU A 783 23.90 -5.82 -21.83
CA GLU A 783 22.88 -4.81 -21.46
C GLU A 783 23.07 -4.39 -20.00
N LEU A 784 23.98 -5.04 -19.29
CA LEU A 784 24.37 -4.72 -17.90
C LEU A 784 25.90 -4.67 -17.81
N THR A 785 26.43 -4.08 -16.76
CA THR A 785 27.88 -4.08 -16.46
C THR A 785 28.24 -5.49 -15.96
N VAL A 786 29.16 -6.14 -16.67
CA VAL A 786 29.73 -7.47 -16.31
C VAL A 786 31.08 -7.24 -15.64
N VAL A 787 31.31 -7.92 -14.52
CA VAL A 787 32.63 -7.97 -13.82
C VAL A 787 33.15 -9.41 -13.87
N SER A 788 34.38 -9.58 -14.38
CA SER A 788 34.97 -10.90 -14.70
C SER A 788 35.51 -11.57 -13.45
N GLY A 789 35.22 -12.87 -13.27
CA GLY A 789 35.84 -13.74 -12.26
C GLY A 789 37.25 -14.14 -12.66
N LEU A 790 37.59 -13.99 -13.93
CA LEU A 790 38.95 -14.20 -14.48
C LEU A 790 39.81 -12.93 -14.29
N THR A 791 39.34 -11.78 -14.78
CA THR A 791 40.07 -10.48 -14.79
C THR A 791 40.10 -9.88 -13.38
N GLY A 792 39.06 -10.12 -12.57
CA GLY A 792 38.86 -9.47 -11.26
C GLY A 792 38.49 -7.99 -11.42
N ALA A 793 37.99 -7.60 -12.59
CA ALA A 793 37.70 -6.20 -12.96
C ALA A 793 36.52 -6.14 -13.94
N VAL A 794 36.01 -4.94 -14.19
CA VAL A 794 34.94 -4.68 -15.20
C VAL A 794 35.48 -5.17 -16.54
N VAL A 795 34.72 -6.01 -17.22
CA VAL A 795 35.10 -6.62 -18.52
C VAL A 795 34.18 -6.03 -19.58
N SER A 796 34.79 -5.48 -20.64
CA SER A 796 34.13 -4.88 -21.82
C SER A 796 33.88 -5.97 -22.88
N ALA A 797 33.03 -5.69 -23.87
CA ALA A 797 32.51 -6.64 -24.88
C ALA A 797 33.64 -7.31 -25.69
N ASP A 798 34.59 -6.54 -26.22
CA ASP A 798 35.69 -7.03 -27.11
C ASP A 798 36.44 -8.20 -26.44
N GLU A 799 36.71 -8.07 -25.15
CA GLU A 799 37.37 -9.11 -24.32
C GLU A 799 36.35 -10.23 -24.08
N LEU A 800 35.15 -9.86 -23.66
CA LEU A 800 34.06 -10.78 -23.23
C LEU A 800 33.56 -11.60 -24.43
N CYS A 801 33.59 -11.02 -25.63
CA CYS A 801 33.00 -11.60 -26.87
C CYS A 801 34.11 -12.24 -27.72
N SER A 802 35.14 -12.80 -27.06
CA SER A 802 36.28 -13.54 -27.68
C SER A 802 36.34 -14.96 -27.13
N VAL A 803 37.02 -15.88 -27.83
CA VAL A 803 37.12 -17.32 -27.45
C VAL A 803 38.21 -17.47 -26.39
N GLY A 804 39.28 -16.67 -26.51
CA GLY A 804 40.43 -16.62 -25.57
C GLY A 804 39.98 -16.42 -24.13
N TYR A 805 38.99 -15.53 -23.91
CA TYR A 805 38.43 -15.19 -22.58
C TYR A 805 37.85 -16.44 -21.91
N TRP A 806 37.04 -17.23 -22.62
CA TRP A 806 36.19 -18.28 -22.02
C TRP A 806 37.00 -19.55 -21.76
N VAL A 807 38.03 -19.80 -22.58
CA VAL A 807 39.04 -20.88 -22.34
C VAL A 807 39.83 -20.49 -21.09
N ARG A 808 40.41 -19.30 -21.07
CA ARG A 808 41.15 -18.77 -19.89
C ARG A 808 40.25 -18.83 -18.64
N HIS A 809 38.99 -18.38 -18.77
CA HIS A 809 37.98 -18.40 -17.69
C HIS A 809 37.89 -19.81 -17.11
N ALA A 810 37.84 -20.83 -17.97
CA ALA A 810 37.71 -22.26 -17.59
C ALA A 810 38.95 -22.77 -16.84
N ARG A 811 40.12 -22.15 -17.08
CA ARG A 811 41.47 -22.66 -16.70
C ARG A 811 42.03 -21.93 -15.47
N GLU A 812 42.07 -20.59 -15.48
CA GLU A 812 42.81 -19.78 -14.48
C GLU A 812 41.93 -19.51 -13.24
N ALA A 813 42.51 -18.88 -12.22
CA ALA A 813 41.89 -18.67 -10.88
C ALA A 813 40.67 -17.75 -10.96
N VAL A 814 39.59 -18.10 -10.25
CA VAL A 814 38.41 -17.22 -10.04
C VAL A 814 38.84 -16.11 -9.07
N ARG A 815 39.00 -14.89 -9.58
CA ARG A 815 39.39 -13.70 -8.78
C ARG A 815 38.14 -13.02 -8.20
N PHE A 816 37.36 -13.76 -7.41
CA PHE A 816 36.02 -13.34 -6.90
C PHE A 816 36.16 -12.18 -5.93
N ALA A 817 37.05 -12.27 -4.95
CA ALA A 817 37.33 -11.17 -3.99
C ALA A 817 37.56 -9.87 -4.78
N ASP A 818 38.45 -9.92 -5.78
CA ASP A 818 38.80 -8.76 -6.64
C ASP A 818 37.54 -8.31 -7.42
N ALA A 819 36.66 -9.25 -7.81
CA ALA A 819 35.40 -8.94 -8.55
C ALA A 819 34.44 -8.11 -7.67
N VAL A 820 34.26 -8.50 -6.41
CA VAL A 820 33.46 -7.77 -5.38
C VAL A 820 34.03 -6.36 -5.22
N GLY A 821 35.35 -6.23 -5.17
CA GLY A 821 36.03 -4.92 -5.06
C GLY A 821 35.68 -4.04 -6.24
N ALA A 822 35.74 -4.59 -7.47
CA ALA A 822 35.51 -3.84 -8.73
C ALA A 822 34.04 -3.43 -8.81
N MET A 823 33.14 -4.26 -8.27
CA MET A 823 31.68 -3.99 -8.20
C MET A 823 31.47 -2.78 -7.28
N ALA A 824 31.94 -2.86 -6.03
CA ALA A 824 31.91 -1.76 -5.03
C ALA A 824 32.51 -0.49 -5.65
N GLY A 825 33.65 -0.63 -6.33
CA GLY A 825 34.40 0.51 -6.90
C GLY A 825 33.58 1.25 -7.93
N VAL A 826 32.69 0.54 -8.60
CA VAL A 826 31.86 1.03 -9.74
C VAL A 826 30.49 1.44 -9.18
N GLY A 827 30.31 1.37 -7.86
CA GLY A 827 29.19 2.02 -7.13
C GLY A 827 28.17 1.03 -6.58
N VAL A 828 28.42 -0.26 -6.60
CA VAL A 828 27.43 -1.25 -6.07
C VAL A 828 27.43 -1.18 -4.55
N GLY A 829 26.25 -0.92 -3.98
CA GLY A 829 25.99 -0.86 -2.52
C GLY A 829 25.18 -2.04 -1.99
N ARG A 830 24.28 -2.63 -2.81
CA ARG A 830 23.51 -3.84 -2.43
C ARG A 830 23.98 -5.02 -3.31
N PHE A 831 24.34 -6.13 -2.68
CA PHE A 831 24.75 -7.41 -3.32
C PHE A 831 23.72 -8.50 -2.99
N VAL A 832 23.24 -9.19 -4.04
CA VAL A 832 22.26 -10.32 -3.92
C VAL A 832 22.90 -11.56 -4.54
N GLU A 833 23.01 -12.65 -3.78
CA GLU A 833 23.48 -13.97 -4.30
C GLU A 833 22.34 -14.59 -5.13
N VAL A 834 22.57 -14.73 -6.44
CA VAL A 834 21.62 -15.43 -7.35
C VAL A 834 22.10 -16.87 -7.52
N GLY A 835 21.50 -17.78 -6.75
CA GLY A 835 21.84 -19.21 -6.68
C GLY A 835 21.33 -19.82 -5.38
N PRO A 836 21.55 -21.13 -5.15
CA PRO A 836 21.07 -21.79 -3.95
C PRO A 836 22.12 -21.61 -2.85
N GLY A 837 21.65 -21.39 -1.62
CA GLY A 837 22.49 -21.19 -0.41
C GLY A 837 23.11 -19.81 -0.34
N GLY A 838 24.16 -19.67 0.48
CA GLY A 838 24.79 -18.38 0.82
C GLY A 838 26.32 -18.46 0.81
N VAL A 839 26.90 -19.38 0.05
CA VAL A 839 28.38 -19.51 -0.07
C VAL A 839 28.97 -18.17 -0.51
N LEU A 840 28.45 -17.57 -1.58
CA LEU A 840 28.99 -16.30 -2.14
C LEU A 840 28.76 -15.14 -1.16
N SER A 841 27.60 -15.10 -0.49
CA SER A 841 27.22 -14.00 0.43
C SER A 841 28.26 -13.87 1.53
N ALA A 842 28.66 -15.01 2.12
CA ALA A 842 29.71 -15.10 3.17
C ALA A 842 30.99 -14.45 2.63
N LEU A 843 31.39 -14.79 1.41
CA LEU A 843 32.63 -14.31 0.78
C LEU A 843 32.51 -12.79 0.50
N VAL A 844 31.31 -12.33 0.14
CA VAL A 844 31.03 -10.89 -0.11
C VAL A 844 31.14 -10.14 1.22
N ARG A 845 30.54 -10.69 2.29
CA ARG A 845 30.67 -10.17 3.68
C ARG A 845 32.14 -10.03 4.07
N GLU A 846 32.94 -11.08 3.87
CA GLU A 846 34.38 -11.10 4.27
C GLU A 846 35.12 -10.01 3.52
N CYS A 847 34.75 -9.70 2.28
CA CYS A 847 35.46 -8.72 1.41
C CYS A 847 35.14 -7.27 1.79
N LEU A 848 33.90 -6.98 2.24
CA LEU A 848 33.44 -5.60 2.58
C LEU A 848 33.76 -5.25 4.04
N SER A 855 25.99 -4.10 2.26
CA SER A 855 24.66 -4.78 2.33
C SER A 855 24.63 -6.02 1.41
N VAL A 856 24.67 -7.23 1.99
CA VAL A 856 24.66 -8.53 1.27
C VAL A 856 23.44 -9.36 1.71
N VAL A 857 22.63 -9.82 0.77
CA VAL A 857 21.51 -10.77 1.03
C VAL A 857 21.60 -11.94 0.04
N ALA A 858 21.46 -13.17 0.52
CA ALA A 858 21.37 -14.40 -0.30
C ALA A 858 19.90 -14.64 -0.70
N ALA A 859 19.63 -14.57 -2.01
CA ALA A 859 18.26 -14.67 -2.58
C ALA A 859 17.58 -15.95 -2.06
N VAL A 860 18.30 -17.05 -1.87
CA VAL A 860 17.68 -18.34 -1.41
C VAL A 860 18.61 -19.06 -0.43
N ARG A 861 18.67 -18.58 0.82
CA ARG A 861 19.45 -19.23 1.91
C ARG A 861 18.77 -20.56 2.27
N GLY A 862 19.53 -21.52 2.77
CA GLY A 862 19.06 -22.89 3.05
C GLY A 862 18.37 -23.00 4.40
N ASN A 863 18.03 -24.23 4.78
CA ASN A 863 17.44 -24.61 6.10
C ASN A 863 16.05 -23.99 6.26
N ARG A 864 15.43 -23.52 5.16
CA ARG A 864 14.03 -22.99 5.15
C ARG A 864 13.49 -23.14 3.74
N ALA A 865 12.18 -23.35 3.58
CA ALA A 865 11.49 -23.46 2.27
C ALA A 865 11.94 -22.32 1.34
N GLU A 866 12.04 -22.59 0.03
CA GLU A 866 12.62 -21.65 -0.96
C GLU A 866 11.78 -20.38 -1.03
N PRO A 867 10.42 -20.48 -1.13
CA PRO A 867 9.57 -19.30 -1.16
C PRO A 867 9.79 -18.38 0.06
N VAL A 868 9.95 -18.98 1.25
CA VAL A 868 10.17 -18.23 2.52
C VAL A 868 11.52 -17.50 2.43
N ALA A 869 12.60 -18.22 2.15
CA ALA A 869 13.99 -17.69 2.12
C ALA A 869 14.12 -16.60 1.05
N LEU A 870 13.40 -16.71 -0.06
CA LEU A 870 13.47 -15.69 -1.13
C LEU A 870 12.68 -14.46 -0.66
N LEU A 871 11.46 -14.65 -0.14
CA LEU A 871 10.57 -13.54 0.26
C LEU A 871 11.24 -12.71 1.38
N SER A 872 11.74 -13.38 2.42
CA SER A 872 12.68 -12.82 3.43
C SER A 872 13.72 -11.88 2.77
N ALA A 873 14.45 -12.40 1.77
CA ALA A 873 15.60 -11.72 1.12
C ALA A 873 15.12 -10.47 0.37
N VAL A 874 14.08 -10.58 -0.43
CA VAL A 874 13.51 -9.42 -1.17
C VAL A 874 12.85 -8.47 -0.16
N GLY A 875 12.53 -8.96 1.05
CA GLY A 875 12.02 -8.17 2.18
C GLY A 875 13.08 -7.22 2.72
N GLU A 876 14.22 -7.75 3.14
CA GLU A 876 15.41 -6.96 3.58
C GLU A 876 15.70 -5.88 2.53
N LEU A 877 15.72 -6.23 1.25
CA LEU A 877 16.02 -5.29 0.15
C LEU A 877 15.03 -4.11 0.19
N PHE A 878 13.74 -4.41 0.38
CA PHE A 878 12.65 -3.40 0.33
C PHE A 878 12.74 -2.49 1.55
N ALA A 879 13.00 -3.09 2.73
CA ALA A 879 13.20 -2.39 4.02
C ALA A 879 14.41 -1.45 3.94
N ASP A 880 15.48 -1.86 3.26
CA ASP A 880 16.73 -1.06 3.16
C ASP A 880 16.53 0.07 2.13
N GLY A 881 15.42 0.07 1.41
CA GLY A 881 15.01 1.18 0.54
C GLY A 881 14.98 0.85 -0.94
N TYR A 882 15.13 -0.42 -1.33
CA TYR A 882 15.08 -0.81 -2.77
C TYR A 882 13.64 -0.76 -3.26
N PRO A 883 13.35 -0.14 -4.41
CA PRO A 883 11.96 -0.05 -4.88
C PRO A 883 11.43 -1.38 -5.44
N VAL A 884 11.20 -2.38 -4.59
CA VAL A 884 10.65 -3.68 -5.04
C VAL A 884 9.25 -3.42 -5.63
N ASP A 885 8.95 -3.98 -6.80
CA ASP A 885 7.61 -3.79 -7.43
C ASP A 885 6.65 -4.87 -6.91
N TRP A 886 6.10 -4.70 -5.71
CA TRP A 886 5.21 -5.70 -5.05
C TRP A 886 3.94 -5.92 -5.89
N THR A 887 3.45 -4.88 -6.58
CA THR A 887 2.29 -4.96 -7.52
C THR A 887 2.46 -6.21 -8.39
N ALA A 888 3.66 -6.36 -8.96
CA ALA A 888 4.02 -7.39 -9.97
C ALA A 888 4.15 -8.78 -9.32
N TYR A 889 4.25 -8.87 -8.00
CA TYR A 889 4.23 -10.17 -7.27
C TYR A 889 2.82 -10.77 -7.41
N PHE A 890 1.80 -9.92 -7.60
CA PHE A 890 0.36 -10.31 -7.67
C PHE A 890 -0.17 -10.21 -9.11
N ALA A 891 0.57 -10.77 -10.08
CA ALA A 891 0.10 -11.05 -11.46
C ALA A 891 -0.48 -12.46 -11.52
N GLY A 892 0.07 -13.38 -10.70
CA GLY A 892 -0.38 -14.78 -10.54
C GLY A 892 -1.86 -14.90 -10.24
N TRP A 893 -2.37 -14.09 -9.29
CA TRP A 893 -3.79 -14.09 -8.81
C TRP A 893 -4.56 -12.93 -9.44
N PRO A 894 -5.92 -12.99 -9.47
CA PRO A 894 -6.75 -11.86 -9.90
C PRO A 894 -7.23 -11.01 -8.72
N ALA A 895 -6.29 -10.47 -7.94
CA ALA A 895 -6.51 -9.70 -6.69
C ALA A 895 -7.24 -8.39 -6.99
N ALA A 896 -8.24 -8.04 -6.17
CA ALA A 896 -9.05 -6.80 -6.24
C ALA A 896 -8.72 -5.86 -5.07
N ARG A 897 -8.63 -4.56 -5.34
CA ARG A 897 -8.46 -3.50 -4.32
C ARG A 897 -9.66 -3.54 -3.36
N VAL A 898 -9.41 -3.43 -2.05
CA VAL A 898 -10.43 -3.40 -0.96
C VAL A 898 -9.99 -2.39 0.11
N GLU A 899 -10.95 -1.81 0.84
CA GLU A 899 -10.69 -0.76 1.86
C GLU A 899 -9.84 -1.35 2.99
N LEU A 900 -8.86 -0.58 3.47
CA LEU A 900 -7.90 -0.96 4.55
C LEU A 900 -7.97 0.06 5.70
N PRO A 901 -7.55 -0.31 6.94
CA PRO A 901 -7.32 0.67 7.99
C PRO A 901 -6.44 1.82 7.46
N THR A 902 -6.67 3.04 7.95
CA THR A 902 -5.94 4.27 7.52
C THR A 902 -4.76 4.48 8.48
N TYR A 903 -3.87 5.44 8.20
CA TYR A 903 -2.59 5.61 8.93
C TYR A 903 -2.84 5.73 10.45
N ALA A 904 -2.08 4.96 11.24
CA ALA A 904 -2.09 4.97 12.71
C ALA A 904 -1.30 6.19 13.19
N PHE A 905 -1.97 7.34 13.21
CA PHE A 905 -1.43 8.64 13.66
C PHE A 905 -0.86 8.51 15.07
N GLN A 906 0.33 9.08 15.28
CA GLN A 906 1.02 9.16 16.58
C GLN A 906 0.61 10.46 17.29
N ARG A 907 -0.65 10.52 17.72
CA ARG A 907 -1.29 11.74 18.28
C ARG A 907 -0.66 12.11 19.61
N SER A 908 -0.39 13.40 19.82
CA SER A 908 0.10 13.98 21.09
C SER A 908 -0.71 15.24 21.36
N ARG A 909 -0.81 15.66 22.62
CA ARG A 909 -1.62 16.85 23.02
C ARG A 909 -0.93 18.12 22.50
N HIS A 910 -1.74 19.01 21.90
CA HIS A 910 -1.37 20.39 21.46
C HIS A 910 -2.53 21.32 21.80
N TRP A 911 -2.26 22.39 22.56
CA TRP A 911 -3.30 23.30 23.10
C TRP A 911 -2.64 24.60 23.58
N LEU A 912 -3.46 25.63 23.81
CA LEU A 912 -3.03 26.95 24.34
C LEU A 912 -2.70 26.82 25.83
N GLU A 913 -1.98 27.82 26.38
CA GLU A 913 -1.71 27.98 27.84
C GLU A 913 -2.02 29.42 28.26
#